data_3IFR
#
_entry.id   3IFR
#
_cell.length_a   129.094
_cell.length_b   149.806
_cell.length_c   54.944
_cell.angle_alpha   90.00
_cell.angle_beta   90.00
_cell.angle_gamma   90.00
#
_symmetry.space_group_name_H-M   'P 21 21 2'
#
loop_
_entity.id
_entity.type
_entity.pdbx_description
1 polymer 'Carbohydrate kinase, FGGY'
2 non-polymer 'PHOSPHATE ION'
3 water water
#
_entity_poly.entity_id   1
_entity_poly.type   'polypeptide(L)'
_entity_poly.pdbx_seq_one_letter_code
;(MSE)SLAQGRQVIGLDIGTTSTIAILVRLPDTVVAVASRPTTLSSPHPGWAEEDPAQWWDNARAVLAELKTTAGESDWR
PGGICVTG(MSE)LPAVVLLDDRGAVLRPSIQQSDGRCGDEVAELRAEVDSEAFLARTGNGVTQQLVTAKLRWIERHEPA
VFGAIATVCGSYDYIN(MSE)LLTGERVVDRNWALEGGFIDLASGTVEADLVALAHIPPSAVPPAHPTHRVLGAVTAEAA
ALTGLPTGLPVYGGAADHIASALAAGITRPGDVLLKFGGAGDIIVASATAKSDPRLYLDYHLVPGLYAPNGC(MSE)AAT
GSALNWLAKLLAPEAGEAAHAQLDALAAEVPAGADGLVCLPYFLGEKTPIHDPFASGTFTGLSLSHTRGHLWRALLEAVA
LAFRHHVAVLDDIGHAPQRFFASDGGTRSRVW(MSE)GI(MSE)ADVLQRPVQLLANPLGSAVGAAWVAAIGGGDDLGWD
DVTALVRTGEKITPDPAKAEVYDRLYRDFSALYATLHPFFHRSREGHHHHHH
;
_entity_poly.pdbx_strand_id   A,B
#
loop_
_chem_comp.id
_chem_comp.type
_chem_comp.name
_chem_comp.formula
PO4 non-polymer 'PHOSPHATE ION' 'O4 P -3'
#
# COMPACT_ATOMS: atom_id res chain seq x y z
N ARG A 7 18.24 36.31 25.85
CA ARG A 7 17.54 35.19 26.50
C ARG A 7 18.13 33.80 26.11
N GLN A 8 18.44 33.00 27.12
CA GLN A 8 19.35 31.88 26.99
C GLN A 8 18.72 30.51 27.23
N VAL A 9 19.26 29.50 26.56
CA VAL A 9 18.58 28.22 26.48
C VAL A 9 19.61 27.11 26.22
N ILE A 10 19.37 25.90 26.74
CA ILE A 10 20.34 24.80 26.54
C ILE A 10 19.74 23.57 25.89
N GLY A 11 20.45 23.01 24.92
CA GLY A 11 20.14 21.67 24.45
C GLY A 11 21.23 20.66 24.79
N LEU A 12 20.82 19.47 25.21
CA LEU A 12 21.71 18.40 25.56
C LEU A 12 21.35 17.18 24.69
N ASP A 13 22.35 16.54 24.09
CA ASP A 13 22.10 15.41 23.21
C ASP A 13 22.86 14.16 23.71
N ILE A 14 22.07 13.19 24.20
CA ILE A 14 22.58 11.92 24.65
C ILE A 14 22.71 11.04 23.41
N GLY A 15 23.85 11.20 22.74
CA GLY A 15 24.07 10.58 21.44
C GLY A 15 24.68 9.22 21.59
N THR A 16 24.82 8.53 20.47
CA THR A 16 25.28 7.17 20.49
C THR A 16 26.76 7.08 20.79
N THR A 17 27.59 7.87 20.12
CA THR A 17 29.01 7.84 20.43
C THR A 17 29.49 9.15 21.08
N SER A 18 28.54 10.01 21.40
CA SER A 18 28.88 11.33 21.87
C SER A 18 27.77 12.07 22.68
N THR A 19 28.13 12.72 23.78
CA THR A 19 27.18 13.50 24.57
C THR A 19 27.54 14.97 24.38
N ILE A 20 26.59 15.75 23.88
CA ILE A 20 26.89 17.09 23.41
C ILE A 20 25.90 18.02 24.04
N ALA A 21 26.37 19.15 24.55
CA ALA A 21 25.49 20.19 25.08
C ALA A 21 25.86 21.52 24.49
N ILE A 22 24.84 22.37 24.27
CA ILE A 22 25.08 23.71 23.77
C ILE A 22 24.31 24.77 24.54
N LEU A 23 24.92 25.97 24.58
CA LEU A 23 24.31 27.11 25.19
C LEU A 23 24.04 28.07 24.08
N VAL A 24 22.77 28.47 23.97
CA VAL A 24 22.38 29.40 22.92
C VAL A 24 21.85 30.66 23.56
N ARG A 25 22.28 31.79 23.02
CA ARG A 25 21.66 33.06 23.33
C ARG A 25 20.74 33.34 22.17
N LEU A 26 19.45 33.47 22.46
CA LEU A 26 18.51 33.75 21.39
C LEU A 26 18.67 35.19 20.88
N PRO A 27 18.44 35.41 19.57
CA PRO A 27 17.86 34.35 18.74
C PRO A 27 18.84 33.51 17.96
N ASP A 28 20.13 33.81 17.92
CA ASP A 28 20.89 33.25 16.80
C ASP A 28 22.32 32.93 17.09
N THR A 29 22.64 32.77 18.37
CA THR A 29 24.03 32.66 18.80
C THR A 29 24.27 31.46 19.71
N VAL A 30 25.32 30.72 19.37
CA VAL A 30 25.73 29.59 20.15
C VAL A 30 26.87 30.09 21.01
N VAL A 31 26.59 30.33 22.29
CA VAL A 31 27.59 30.80 23.22
C VAL A 31 28.66 29.75 23.50
N ALA A 32 28.29 28.47 23.63
CA ALA A 32 29.25 27.41 23.98
C ALA A 32 28.80 26.03 23.53
N VAL A 33 29.77 25.15 23.31
CA VAL A 33 29.47 23.76 22.97
C VAL A 33 30.38 22.87 23.79
N ALA A 34 29.83 21.87 24.48
CA ALA A 34 30.67 20.85 25.12
C ALA A 34 30.31 19.42 24.70
N SER A 35 31.32 18.56 24.58
CA SER A 35 31.08 17.16 24.26
C SER A 35 31.93 16.17 25.07
N ARG A 36 31.52 14.91 25.01
CA ARG A 36 32.22 13.84 25.68
C ARG A 36 31.88 12.56 24.93
N PRO A 37 32.88 11.68 24.76
CA PRO A 37 32.69 10.41 24.09
C PRO A 37 31.81 9.46 24.93
N THR A 38 31.08 8.58 24.26
CA THR A 38 30.23 7.62 24.95
C THR A 38 30.62 6.33 24.35
N THR A 39 30.65 5.27 25.16
CA THR A 39 31.07 3.96 24.68
C THR A 39 29.89 3.10 24.23
N LEU A 40 29.96 2.62 23.00
CA LEU A 40 29.07 1.58 22.51
C LEU A 40 29.78 0.27 22.81
N SER A 41 29.21 -0.56 23.68
CA SER A 41 29.76 -1.89 23.88
C SER A 41 29.00 -2.94 23.07
N SER A 42 29.68 -4.03 22.76
CA SER A 42 28.98 -5.21 22.27
C SER A 42 29.66 -6.45 22.81
N PRO A 43 29.09 -6.98 23.89
CA PRO A 43 29.56 -8.16 24.63
C PRO A 43 29.43 -9.41 23.77
N HIS A 44 28.48 -9.44 22.84
CA HIS A 44 28.43 -10.54 21.87
C HIS A 44 28.05 -10.00 20.53
N PRO A 45 28.31 -10.76 19.46
CA PRO A 45 28.10 -10.23 18.11
C PRO A 45 26.69 -9.65 18.01
N GLY A 46 26.55 -8.47 17.40
CA GLY A 46 25.26 -7.90 17.11
C GLY A 46 24.61 -7.25 18.33
N TRP A 47 25.24 -7.39 19.51
CA TRP A 47 24.84 -6.66 20.70
C TRP A 47 25.24 -5.18 20.66
N ALA A 48 24.37 -4.28 21.11
CA ALA A 48 24.72 -2.85 21.22
C ALA A 48 24.25 -2.31 22.55
N GLU A 49 25.18 -2.03 23.45
CA GLU A 49 24.79 -1.65 24.79
C GLU A 49 25.48 -0.39 25.23
N GLU A 50 24.82 0.38 26.11
CA GLU A 50 25.51 1.47 26.81
C GLU A 50 25.25 1.52 28.31
N ASP A 51 26.09 2.27 28.99
CA ASP A 51 26.04 2.36 30.41
C ASP A 51 25.34 3.66 30.75
N PRO A 52 24.11 3.58 31.28
CA PRO A 52 23.41 4.86 31.54
C PRO A 52 24.14 5.78 32.53
N ALA A 53 25.02 5.19 33.31
CA ALA A 53 25.79 6.00 34.25
C ALA A 53 26.82 6.84 33.53
N GLN A 54 27.31 6.37 32.39
CA GLN A 54 28.17 7.21 31.58
C GLN A 54 27.39 8.39 30.89
N TRP A 55 26.16 8.13 30.42
CA TRP A 55 25.35 9.23 29.91
C TRP A 55 25.31 10.33 31.00
N TRP A 56 25.02 9.93 32.23
CA TRP A 56 24.76 10.89 33.30
C TRP A 56 26.03 11.62 33.67
N ASP A 57 27.12 10.86 33.74
CA ASP A 57 28.42 11.48 33.96
C ASP A 57 28.83 12.39 32.84
N ASN A 58 28.70 11.91 31.60
CA ASN A 58 28.86 12.79 30.42
C ASN A 58 27.99 14.04 30.57
N ALA A 59 26.71 13.88 30.90
CA ALA A 59 25.82 15.06 30.97
C ALA A 59 26.24 16.09 32.03
N ARG A 60 26.59 15.64 33.23
CA ARG A 60 27.12 16.51 34.25
C ARG A 60 28.31 17.26 33.77
N ALA A 61 29.25 16.57 33.14
CA ALA A 61 30.51 17.21 32.69
C ALA A 61 30.32 18.33 31.67
N VAL A 62 29.48 18.04 30.70
CA VAL A 62 29.23 18.89 29.55
C VAL A 62 28.37 20.11 29.95
N LEU A 63 27.39 19.92 30.83
CA LEU A 63 26.63 21.07 31.34
C LEU A 63 27.52 21.99 32.18
N ALA A 64 28.23 21.43 33.17
CA ALA A 64 29.20 22.23 33.92
C ALA A 64 30.23 22.92 33.00
N GLU A 65 30.72 22.24 31.98
CA GLU A 65 31.70 22.87 31.09
C GLU A 65 31.07 24.05 30.34
N LEU A 66 29.78 23.95 30.02
CA LEU A 66 29.06 25.05 29.37
C LEU A 66 29.17 26.33 30.21
N LYS A 67 28.91 26.21 31.51
CA LYS A 67 28.99 27.29 32.46
C LYS A 67 30.41 27.82 32.58
N THR A 68 31.39 26.95 32.51
CA THR A 68 32.81 27.26 32.69
C THR A 68 33.35 27.96 31.47
N THR A 69 32.85 27.53 30.32
CA THR A 69 33.21 28.16 29.06
C THR A 69 32.59 29.56 28.88
N ALA A 70 31.28 29.69 29.10
CA ALA A 70 30.64 30.94 28.83
C ALA A 70 31.01 31.92 29.92
N GLY A 71 31.31 31.40 31.12
CA GLY A 71 31.58 32.24 32.27
C GLY A 71 30.27 32.64 32.93
N GLU A 72 30.36 33.03 34.19
CA GLU A 72 29.20 33.42 35.01
C GLU A 72 28.53 34.71 34.55
N SER A 73 29.33 35.61 34.01
CA SER A 73 28.80 36.86 33.50
C SER A 73 28.02 36.69 32.17
N ASP A 74 28.13 35.53 31.52
CA ASP A 74 27.30 35.24 30.34
C ASP A 74 26.52 33.92 30.52
N TRP A 75 26.23 33.59 31.79
CA TRP A 75 25.50 32.39 32.16
C TRP A 75 24.09 32.77 32.66
N ARG A 76 23.07 32.62 31.84
CA ARG A 76 21.71 32.88 32.34
C ARG A 76 20.70 31.97 31.66
N PRO A 77 20.91 30.64 31.75
CA PRO A 77 20.05 29.67 31.06
C PRO A 77 18.63 29.68 31.64
N GLY A 78 17.63 29.62 30.77
CA GLY A 78 16.25 29.82 31.17
C GLY A 78 15.39 28.59 30.96
N GLY A 79 15.95 27.59 30.30
CA GLY A 79 15.31 26.30 30.15
C GLY A 79 16.26 25.30 29.52
N ILE A 80 15.99 24.01 29.67
CA ILE A 80 16.83 22.99 29.03
C ILE A 80 15.96 21.92 28.40
N CYS A 81 16.32 21.45 27.22
CA CYS A 81 15.65 20.27 26.65
C CYS A 81 16.70 19.18 26.38
N VAL A 82 16.34 17.95 26.73
CA VAL A 82 17.24 16.83 26.48
C VAL A 82 16.70 15.96 25.34
N THR A 83 17.57 15.68 24.37
CA THR A 83 17.26 14.74 23.29
C THR A 83 18.34 13.61 23.35
N GLY A 84 18.16 12.57 22.53
CA GLY A 84 19.12 11.51 22.41
C GLY A 84 18.58 10.39 21.51
N MSE A 85 19.36 9.33 21.35
CA MSE A 85 18.92 8.22 20.49
C MSE A 85 17.69 7.48 21.07
O MSE A 85 17.46 7.49 22.28
CB MSE A 85 20.10 7.30 20.21
CG MSE A 85 20.28 6.13 21.18
SE MSE A 85 20.71 6.55 23.08
CE MSE A 85 22.69 6.77 23.01
N LEU A 86 16.89 6.87 20.21
CA LEU A 86 15.74 6.07 20.66
C LEU A 86 15.43 5.00 19.61
N PRO A 87 14.65 3.98 20.00
CA PRO A 87 14.29 3.76 21.41
C PRO A 87 15.40 2.98 22.10
N ALA A 88 15.99 3.55 23.14
CA ALA A 88 16.95 2.81 23.92
C ALA A 88 16.08 2.12 24.95
N VAL A 89 16.54 1.00 25.47
CA VAL A 89 15.83 0.30 26.53
C VAL A 89 16.67 0.34 27.80
N VAL A 90 16.16 1.09 28.78
CA VAL A 90 16.75 1.22 30.11
C VAL A 90 15.78 0.61 31.11
N LEU A 91 16.29 -0.25 32.00
CA LEU A 91 15.51 -0.92 33.06
C LEU A 91 15.85 -0.44 34.49
N LEU A 92 14.84 0.08 35.20
CA LEU A 92 15.04 0.43 36.59
C LEU A 92 14.24 -0.48 37.51
N ASP A 93 14.85 -0.81 38.65
CA ASP A 93 14.17 -1.55 39.69
C ASP A 93 13.33 -0.63 40.59
N ASP A 94 12.80 -1.14 41.68
CA ASP A 94 11.84 -0.33 42.42
C ASP A 94 12.51 0.82 43.13
N ARG A 95 13.83 0.72 43.29
CA ARG A 95 14.62 1.75 43.96
C ARG A 95 15.19 2.80 42.98
N GLY A 96 14.89 2.63 41.70
CA GLY A 96 15.44 3.54 40.69
C GLY A 96 16.85 3.20 40.17
N ALA A 97 17.39 2.07 40.58
CA ALA A 97 18.69 1.62 40.12
C ALA A 97 18.61 0.90 38.76
N VAL A 98 19.63 1.12 37.95
CA VAL A 98 19.79 0.44 36.66
C VAL A 98 19.97 -1.10 36.80
N LEU A 99 19.11 -1.88 36.14
CA LEU A 99 19.22 -3.33 36.23
C LEU A 99 20.36 -3.93 35.38
N ARG A 100 20.53 -3.45 34.16
CA ARG A 100 21.54 -4.03 33.28
C ARG A 100 21.86 -2.94 32.29
N PRO A 101 22.90 -3.14 31.49
CA PRO A 101 23.27 -2.09 30.54
C PRO A 101 22.10 -1.80 29.59
N SER A 102 22.01 -0.56 29.12
CA SER A 102 21.02 -0.16 28.15
C SER A 102 21.23 -0.90 26.84
N ILE A 103 20.14 -1.39 26.27
CA ILE A 103 20.16 -1.99 24.93
C ILE A 103 19.76 -0.91 23.92
N GLN A 104 20.70 -0.58 23.02
CA GLN A 104 20.53 0.45 21.98
C GLN A 104 19.57 0.06 20.81
N GLN A 105 19.15 1.01 19.99
CA GLN A 105 18.29 0.64 18.85
C GLN A 105 19.01 -0.10 17.73
N SER A 106 20.29 0.11 17.55
CA SER A 106 20.99 -0.74 16.59
C SER A 106 21.17 -2.19 17.08
N ASP A 107 20.75 -2.53 18.29
CA ASP A 107 21.00 -3.89 18.80
C ASP A 107 20.25 -4.92 17.96
N GLY A 108 20.85 -6.10 17.77
CA GLY A 108 20.29 -7.14 16.93
C GLY A 108 20.02 -8.47 17.62
N ARG A 109 19.85 -8.47 18.93
CA ARG A 109 19.76 -9.75 19.63
C ARG A 109 18.40 -10.41 19.61
N CYS A 110 17.35 -9.70 19.23
CA CYS A 110 16.03 -10.27 19.46
C CYS A 110 15.17 -10.68 18.22
N GLY A 111 15.82 -11.33 17.27
CA GLY A 111 15.13 -11.90 16.12
C GLY A 111 14.07 -12.92 16.45
N ASP A 112 14.39 -13.89 17.29
CA ASP A 112 13.36 -14.86 17.68
C ASP A 112 12.12 -14.16 18.27
N GLU A 113 12.29 -13.18 19.15
CA GLU A 113 11.07 -12.69 19.75
C GLU A 113 10.22 -11.95 18.71
N VAL A 114 10.91 -11.34 17.74
CA VAL A 114 10.25 -10.60 16.71
C VAL A 114 9.40 -11.57 15.93
N ALA A 115 10.01 -12.70 15.56
CA ALA A 115 9.24 -13.78 14.93
C ALA A 115 7.97 -14.21 15.73
N GLU A 116 8.08 -14.38 17.06
CA GLU A 116 6.90 -14.72 17.86
C GLU A 116 5.86 -13.63 17.83
N LEU A 117 6.30 -12.40 18.07
CA LEU A 117 5.39 -11.26 18.07
C LEU A 117 4.64 -11.25 16.76
N ARG A 118 5.40 -11.34 15.69
CA ARG A 118 4.83 -11.35 14.35
C ARG A 118 3.83 -12.50 14.18
N ALA A 119 4.11 -13.66 14.78
CA ALA A 119 3.19 -14.79 14.70
C ALA A 119 1.98 -14.66 15.64
N GLU A 120 2.15 -13.88 16.69
CA GLU A 120 1.12 -13.71 17.69
C GLU A 120 0.18 -12.50 17.50
N VAL A 121 0.58 -11.49 16.74
CA VAL A 121 -0.33 -10.39 16.39
C VAL A 121 -0.40 -10.11 14.88
N ASP A 122 -1.42 -9.37 14.45
CA ASP A 122 -1.53 -9.02 13.03
C ASP A 122 -0.56 -7.88 12.79
N SER A 123 0.53 -8.14 12.07
CA SER A 123 1.58 -7.14 11.86
C SER A 123 1.13 -5.86 11.17
N GLU A 124 -0.03 -5.92 10.52
CA GLU A 124 -0.58 -4.77 9.79
C GLU A 124 -1.45 -3.99 10.73
N ALA A 125 -2.39 -4.68 11.36
CA ALA A 125 -3.26 -4.03 12.30
C ALA A 125 -2.36 -3.30 13.28
N PHE A 126 -1.27 -3.96 13.67
CA PHE A 126 -0.34 -3.41 14.65
C PHE A 126 0.32 -2.13 14.11
N LEU A 127 0.82 -2.23 12.88
CA LEU A 127 1.51 -1.11 12.25
C LEU A 127 0.52 0.05 12.01
N ALA A 128 -0.73 -0.28 11.67
CA ALA A 128 -1.79 0.75 11.53
C ALA A 128 -2.14 1.34 12.87
N ARG A 129 -1.74 0.67 13.92
CA ARG A 129 -2.19 1.13 15.21
C ARG A 129 -1.16 2.04 15.86
N THR A 130 0.10 1.65 15.78
CA THR A 130 1.16 2.38 16.44
C THR A 130 1.96 3.17 15.40
N GLY A 131 1.60 3.00 14.13
CA GLY A 131 2.36 3.61 13.04
C GLY A 131 3.80 3.14 12.92
N ASN A 132 4.12 2.06 13.60
CA ASN A 132 5.47 1.47 13.57
C ASN A 132 5.34 -0.03 13.44
N GLY A 133 6.33 -0.69 12.84
CA GLY A 133 6.19 -2.09 12.49
C GLY A 133 6.67 -3.02 13.58
N VAL A 134 6.32 -4.30 13.45
CA VAL A 134 6.82 -5.30 14.34
C VAL A 134 8.27 -5.59 14.00
N THR A 135 9.18 -5.02 14.78
CA THR A 135 10.60 -5.16 14.48
C THR A 135 11.40 -5.27 15.78
N GLN A 136 12.70 -5.57 15.67
CA GLN A 136 13.57 -5.58 16.83
C GLN A 136 13.72 -4.20 17.46
N GLN A 137 13.25 -3.15 16.81
CA GLN A 137 13.40 -1.86 17.44
C GLN A 137 12.33 -1.59 18.51
N LEU A 138 11.24 -2.34 18.44
CA LEU A 138 10.21 -2.22 19.48
C LEU A 138 10.80 -2.56 20.86
N VAL A 139 10.62 -1.63 21.79
CA VAL A 139 10.87 -1.90 23.21
C VAL A 139 10.29 -3.28 23.61
N THR A 140 9.07 -3.57 23.12
CA THR A 140 8.40 -4.85 23.31
C THR A 140 9.23 -6.08 22.89
N ALA A 141 9.87 -6.03 21.74
CA ALA A 141 10.74 -7.13 21.33
C ALA A 141 11.90 -7.31 22.31
N LYS A 142 12.65 -6.24 22.57
CA LYS A 142 13.69 -6.32 23.58
C LYS A 142 13.19 -6.79 24.94
N LEU A 143 12.01 -6.35 25.37
CA LEU A 143 11.40 -6.86 26.62
C LEU A 143 11.17 -8.39 26.62
N ARG A 144 10.54 -8.91 25.56
CA ARG A 144 10.33 -10.38 25.44
C ARG A 144 11.65 -11.12 25.54
N TRP A 145 12.72 -10.59 24.91
CA TRP A 145 14.03 -11.25 24.95
C TRP A 145 14.55 -11.33 26.40
N ILE A 146 14.54 -10.20 27.08
CA ILE A 146 14.91 -10.13 28.46
C ILE A 146 14.13 -11.13 29.35
N GLU A 147 12.81 -11.18 29.20
CA GLU A 147 12.00 -12.13 29.98
C GLU A 147 12.49 -13.54 29.80
N ARG A 148 12.88 -13.89 28.57
CA ARG A 148 13.28 -15.25 28.35
C ARG A 148 14.75 -15.51 28.68
N HIS A 149 15.61 -14.50 28.51
CA HIS A 149 17.03 -14.71 28.73
C HIS A 149 17.50 -14.28 30.10
N GLU A 150 16.82 -13.32 30.70
CA GLU A 150 17.25 -12.80 31.99
C GLU A 150 16.03 -12.62 32.89
N PRO A 151 15.35 -13.74 33.22
CA PRO A 151 14.07 -13.63 33.95
C PRO A 151 14.27 -12.84 35.23
N ALA A 152 15.44 -12.91 35.83
CA ALA A 152 15.65 -12.20 37.10
C ALA A 152 15.67 -10.69 36.88
N VAL A 153 16.33 -10.24 35.82
CA VAL A 153 16.22 -8.84 35.46
C VAL A 153 14.74 -8.53 35.25
N PHE A 154 14.09 -9.35 34.44
CA PHE A 154 12.71 -9.09 34.06
C PHE A 154 11.77 -8.94 35.25
N GLY A 155 11.94 -9.79 36.25
CA GLY A 155 11.00 -9.77 37.37
C GLY A 155 11.22 -8.56 38.27
N ALA A 156 12.43 -8.00 38.20
CA ALA A 156 12.72 -6.81 39.01
C ALA A 156 12.32 -5.47 38.38
N ILE A 157 11.73 -5.47 37.18
CA ILE A 157 11.47 -4.23 36.44
C ILE A 157 10.31 -3.44 37.00
N ALA A 158 10.64 -2.25 37.50
CA ALA A 158 9.67 -1.28 38.00
C ALA A 158 9.45 -0.16 36.98
N THR A 159 10.50 0.16 36.22
CA THR A 159 10.42 1.21 35.19
C THR A 159 11.24 0.83 33.96
N VAL A 160 10.61 0.96 32.80
CA VAL A 160 11.30 0.85 31.54
C VAL A 160 11.14 2.18 30.83
N CYS A 161 12.26 2.69 30.31
CA CYS A 161 12.32 3.98 29.65
C CYS A 161 13.50 4.07 28.68
N GLY A 162 13.69 5.23 28.05
CA GLY A 162 14.69 5.38 27.03
C GLY A 162 15.82 6.18 27.61
N SER A 163 16.79 6.57 26.77
CA SER A 163 18.02 7.16 27.28
C SER A 163 17.75 8.54 27.81
N TYR A 164 17.23 9.43 26.99
CA TYR A 164 16.98 10.80 27.43
C TYR A 164 15.85 10.83 28.49
N ASP A 165 14.92 9.86 28.46
CA ASP A 165 13.93 9.81 29.56
C ASP A 165 14.64 9.60 30.91
N TYR A 166 15.67 8.75 30.90
CA TYR A 166 16.35 8.46 32.12
C TYR A 166 17.07 9.71 32.67
N ILE A 167 17.77 10.43 31.80
CA ILE A 167 18.45 11.64 32.18
C ILE A 167 17.47 12.64 32.75
N ASN A 168 16.37 12.92 32.03
CA ASN A 168 15.31 13.77 32.59
C ASN A 168 14.83 13.38 34.02
N MSE A 169 14.64 12.09 34.27
CA MSE A 169 14.32 11.66 35.64
C MSE A 169 15.39 12.11 36.62
O MSE A 169 15.07 12.75 37.60
CB MSE A 169 14.12 10.14 35.73
CG MSE A 169 13.16 9.66 34.70
SE MSE A 169 12.88 7.72 34.82
CE MSE A 169 11.50 7.43 33.38
N LEU A 170 16.65 11.81 36.34
CA LEU A 170 17.75 12.28 37.17
C LEU A 170 17.74 13.81 37.39
N LEU A 171 17.24 14.59 36.41
CA LEU A 171 17.24 16.08 36.49
C LEU A 171 16.11 16.65 37.35
N THR A 172 14.93 16.04 37.25
CA THR A 172 13.68 16.64 37.75
C THR A 172 13.01 15.80 38.84
N GLY A 173 13.38 14.53 38.94
CA GLY A 173 12.67 13.60 39.79
C GLY A 173 11.28 13.26 39.26
N GLU A 174 10.95 13.71 38.08
CA GLU A 174 9.67 13.31 37.53
C GLU A 174 9.78 11.89 36.94
N ARG A 175 8.67 11.22 36.73
CA ARG A 175 8.73 9.92 36.09
C ARG A 175 7.84 9.89 34.84
N VAL A 176 8.42 10.14 33.66
CA VAL A 176 7.65 10.10 32.42
C VAL A 176 8.50 9.57 31.29
N VAL A 177 7.87 9.22 30.17
CA VAL A 177 8.63 9.05 28.94
C VAL A 177 8.07 9.92 27.80
N ASP A 178 8.94 10.33 26.88
CA ASP A 178 8.55 10.96 25.63
C ASP A 178 7.48 10.07 24.95
N ARG A 179 6.40 10.71 24.50
CA ARG A 179 5.45 10.11 23.58
C ARG A 179 6.19 9.33 22.50
N ASN A 180 7.27 9.90 21.98
CA ASN A 180 7.89 9.30 20.83
C ASN A 180 8.68 8.03 21.18
N TRP A 181 9.29 8.02 22.37
CA TRP A 181 9.88 6.79 22.86
C TRP A 181 8.79 5.70 22.93
N ALA A 182 7.63 6.04 23.50
CA ALA A 182 6.55 5.08 23.65
C ALA A 182 5.93 4.63 22.31
N LEU A 183 5.84 5.53 21.36
CA LEU A 183 5.32 5.24 20.03
C LEU A 183 6.32 4.41 19.22
N GLU A 184 7.56 4.87 19.09
CA GLU A 184 8.51 4.03 18.40
C GLU A 184 8.56 2.69 19.12
N GLY A 185 8.45 2.74 20.44
CA GLY A 185 8.56 1.57 21.28
C GLY A 185 7.46 0.52 21.19
N GLY A 186 6.25 0.89 20.76
CA GLY A 186 5.17 -0.06 20.57
C GLY A 186 4.09 0.09 21.62
N PHE A 187 4.16 1.15 22.41
CA PHE A 187 3.18 1.26 23.49
C PHE A 187 2.00 2.18 23.24
N ILE A 188 2.08 3.01 22.20
CA ILE A 188 1.03 4.01 21.98
C ILE A 188 0.15 3.71 20.78
N ASP A 189 -1.17 3.90 20.97
CA ASP A 189 -2.16 3.90 19.91
C ASP A 189 -2.30 5.32 19.37
N LEU A 190 -1.97 5.49 18.09
CA LEU A 190 -2.13 6.77 17.36
C LEU A 190 -3.51 7.35 17.59
N ALA A 191 -4.54 6.53 17.41
CA ALA A 191 -5.94 6.94 17.70
C ALA A 191 -6.14 7.63 19.05
N SER A 192 -5.46 7.16 20.09
CA SER A 192 -5.68 7.76 21.42
C SER A 192 -4.53 8.64 21.88
N GLY A 193 -3.33 8.35 21.37
CA GLY A 193 -2.13 9.10 21.69
C GLY A 193 -1.69 8.83 23.10
N THR A 194 -2.15 7.71 23.64
CA THR A 194 -1.75 7.38 25.00
C THR A 194 -1.23 5.96 25.08
N VAL A 195 -0.60 5.64 26.21
CA VAL A 195 -0.09 4.29 26.41
C VAL A 195 -1.30 3.38 26.61
N GLU A 196 -1.36 2.31 25.85
CA GLU A 196 -2.46 1.35 25.94
C GLU A 196 -2.12 0.06 26.72
N ALA A 197 -3.04 -0.37 27.58
CA ALA A 197 -2.81 -1.54 28.42
C ALA A 197 -2.49 -2.75 27.53
N ASP A 198 -3.48 -3.11 26.75
CA ASP A 198 -3.33 -3.80 25.52
C ASP A 198 -1.88 -3.91 25.01
N LEU A 199 -1.25 -2.79 24.68
CA LEU A 199 0.03 -2.79 24.00
C LEU A 199 1.17 -3.12 24.94
N VAL A 200 1.12 -2.59 26.15
CA VAL A 200 2.10 -2.96 27.16
C VAL A 200 2.01 -4.46 27.49
N ALA A 201 0.79 -4.97 27.64
CA ALA A 201 0.62 -6.42 27.89
C ALA A 201 1.41 -7.29 26.93
N LEU A 202 1.50 -6.93 25.66
CA LEU A 202 2.29 -7.70 24.71
C LEU A 202 3.75 -7.98 25.17
N ALA A 203 4.31 -7.06 25.95
CA ALA A 203 5.69 -7.16 26.38
C ALA A 203 5.73 -7.90 27.73
N HIS A 204 4.55 -8.27 28.22
CA HIS A 204 4.44 -9.10 29.44
C HIS A 204 5.02 -8.39 30.67
N ILE A 205 5.03 -7.05 30.66
CA ILE A 205 5.34 -6.31 31.87
C ILE A 205 4.05 -5.72 32.37
N PRO A 206 4.01 -5.40 33.66
CA PRO A 206 2.85 -4.71 34.23
C PRO A 206 2.80 -3.30 33.65
N PRO A 207 1.58 -2.76 33.47
CA PRO A 207 1.36 -1.44 32.91
C PRO A 207 1.91 -0.35 33.81
N SER A 208 2.08 -0.61 35.09
CA SER A 208 2.73 0.37 35.93
C SER A 208 4.20 0.55 35.50
N ALA A 209 4.77 -0.41 34.79
CA ALA A 209 6.20 -0.34 34.51
C ALA A 209 6.52 0.70 33.41
N VAL A 210 5.52 1.12 32.65
CA VAL A 210 5.72 2.18 31.66
C VAL A 210 5.12 3.49 32.12
N PRO A 211 5.96 4.52 32.20
CA PRO A 211 5.57 5.80 32.81
C PRO A 211 4.62 6.50 31.87
N PRO A 212 3.83 7.47 32.36
CA PRO A 212 2.93 8.12 31.40
C PRO A 212 3.74 8.84 30.33
N ALA A 213 3.22 8.88 29.11
CA ALA A 213 3.85 9.61 28.02
C ALA A 213 3.72 11.13 28.20
N HIS A 214 4.69 11.86 27.69
CA HIS A 214 4.70 13.31 27.84
C HIS A 214 5.15 13.93 26.53
N PRO A 215 4.46 15.01 26.08
CA PRO A 215 4.83 15.56 24.78
C PRO A 215 6.00 16.52 24.92
N THR A 216 6.94 16.42 24.01
CA THR A 216 8.15 17.21 24.06
C THR A 216 8.00 18.70 24.40
N HIS A 217 7.07 19.38 23.73
CA HIS A 217 6.98 20.83 23.84
C HIS A 217 6.51 21.36 25.22
N ARG A 218 5.83 20.52 26.00
CA ARG A 218 5.36 20.94 27.31
C ARG A 218 6.46 20.83 28.37
N VAL A 219 6.43 21.69 29.38
CA VAL A 219 7.37 21.64 30.47
C VAL A 219 7.17 20.34 31.21
N LEU A 220 8.27 19.63 31.49
CA LEU A 220 8.25 18.35 32.16
C LEU A 220 8.42 18.47 33.69
N GLY A 221 9.31 19.37 34.11
CA GLY A 221 9.52 19.63 35.52
C GLY A 221 10.63 20.65 35.69
N ALA A 222 11.28 20.64 36.84
CA ALA A 222 12.34 21.60 37.09
C ALA A 222 13.57 20.85 37.63
N VAL A 223 14.76 21.40 37.40
CA VAL A 223 16.01 20.87 37.93
C VAL A 223 15.97 20.93 39.45
N THR A 224 16.23 19.79 40.07
CA THR A 224 16.16 19.68 41.52
C THR A 224 17.45 20.17 42.17
N ALA A 225 17.43 20.16 43.49
CA ALA A 225 18.57 20.61 44.23
C ALA A 225 19.71 19.60 44.01
N GLU A 226 19.47 18.30 44.18
CA GLU A 226 20.53 17.31 43.91
C GLU A 226 21.14 17.52 42.50
N ALA A 227 20.30 17.78 41.50
CA ALA A 227 20.77 17.80 40.13
C ALA A 227 21.41 19.13 39.78
N ALA A 228 21.03 20.18 40.50
CA ALA A 228 21.73 21.46 40.39
C ALA A 228 23.13 21.25 40.90
N ALA A 229 23.25 20.66 42.06
CA ALA A 229 24.57 20.33 42.58
C ALA A 229 25.51 19.55 41.59
N LEU A 230 25.04 18.42 41.11
CA LEU A 230 25.84 17.62 40.22
C LEU A 230 26.15 18.23 38.85
N THR A 231 25.24 19.09 38.34
CA THR A 231 25.40 19.63 36.98
C THR A 231 25.81 21.09 36.85
N GLY A 232 25.68 21.90 37.91
CA GLY A 232 25.90 23.34 37.78
C GLY A 232 24.66 24.13 37.35
N LEU A 233 23.69 23.45 36.73
CA LEU A 233 22.44 24.11 36.34
C LEU A 233 21.79 24.81 37.53
N PRO A 234 21.16 25.97 37.26
CA PRO A 234 20.50 26.69 38.36
C PRO A 234 19.41 25.82 38.95
N THR A 235 19.23 25.90 40.26
CA THR A 235 18.15 25.19 40.89
C THR A 235 16.79 25.63 40.29
N GLY A 236 15.87 24.68 40.10
CA GLY A 236 14.56 25.06 39.59
C GLY A 236 14.45 25.38 38.10
N LEU A 237 15.56 25.34 37.37
CA LEU A 237 15.53 25.51 35.93
C LEU A 237 14.46 24.66 35.25
N PRO A 238 13.58 25.31 34.46
CA PRO A 238 12.60 24.49 33.74
C PRO A 238 13.22 23.46 32.80
N VAL A 239 12.73 22.24 32.89
CA VAL A 239 13.12 21.19 31.97
C VAL A 239 11.94 20.74 31.13
N TYR A 240 12.10 20.77 29.82
CA TYR A 240 11.04 20.41 28.85
C TYR A 240 10.97 18.91 28.61
N GLY A 241 9.94 18.49 27.90
CA GLY A 241 9.81 17.12 27.51
C GLY A 241 11.06 16.69 26.74
N GLY A 242 11.49 15.44 26.91
CA GLY A 242 12.57 14.93 26.08
C GLY A 242 12.15 14.83 24.62
N ALA A 243 13.15 14.95 23.77
CA ALA A 243 12.97 15.09 22.35
C ALA A 243 13.63 13.96 21.63
N ALA A 244 12.95 13.36 20.70
CA ALA A 244 13.57 12.36 19.87
C ALA A 244 14.68 12.91 18.96
N ASP A 245 15.89 12.37 19.01
CA ASP A 245 17.01 12.96 18.30
C ASP A 245 16.88 13.25 16.82
N HIS A 246 16.40 12.32 16.01
CA HIS A 246 16.28 12.58 14.61
C HIS A 246 15.23 13.63 14.26
N ILE A 247 14.15 13.70 15.01
CA ILE A 247 13.14 14.73 14.88
C ILE A 247 13.68 16.13 15.27
N ALA A 248 14.46 16.22 16.34
CA ALA A 248 15.04 17.50 16.73
C ALA A 248 16.00 17.93 15.64
N SER A 249 16.70 16.97 15.04
CA SER A 249 17.53 17.28 13.88
C SER A 249 16.68 17.81 12.73
N ALA A 250 15.52 17.21 12.49
CA ALA A 250 14.68 17.72 11.40
C ALA A 250 14.28 19.18 11.69
N LEU A 251 13.74 19.43 12.86
CA LEU A 251 13.45 20.80 13.31
C LEU A 251 14.59 21.78 13.08
N ALA A 252 15.78 21.43 13.52
CA ALA A 252 16.95 22.31 13.33
C ALA A 252 17.23 22.56 11.88
N ALA A 253 16.94 21.58 11.04
CA ALA A 253 17.12 21.81 9.62
C ALA A 253 15.98 22.66 9.03
N GLY A 254 15.05 23.06 9.87
CA GLY A 254 13.92 23.85 9.42
C GLY A 254 12.76 23.07 8.83
N ILE A 255 12.58 21.83 9.23
CA ILE A 255 11.38 21.12 8.84
C ILE A 255 10.30 21.39 9.91
N THR A 256 9.46 22.38 9.60
CA THR A 256 8.45 22.88 10.54
C THR A 256 7.04 22.98 9.97
N ARG A 257 6.88 22.93 8.66
CA ARG A 257 5.53 23.06 8.07
C ARG A 257 5.13 21.81 7.33
N PRO A 258 3.85 21.44 7.38
CA PRO A 258 3.39 20.29 6.60
C PRO A 258 3.98 20.35 5.20
N GLY A 259 4.63 19.27 4.76
CA GLY A 259 5.10 19.23 3.39
C GLY A 259 6.60 19.45 3.27
N ASP A 260 7.21 19.93 4.35
CA ASP A 260 8.66 20.08 4.45
C ASP A 260 9.33 18.72 4.50
N VAL A 261 10.41 18.54 3.77
CA VAL A 261 11.12 17.27 3.73
C VAL A 261 12.61 17.48 3.91
N LEU A 262 13.21 16.71 4.82
CA LEU A 262 14.65 16.71 4.98
C LEU A 262 15.22 15.46 4.33
N LEU A 263 16.31 15.63 3.62
CA LEU A 263 17.01 14.52 3.04
C LEU A 263 18.40 14.53 3.62
N LYS A 264 18.73 13.48 4.35
CA LYS A 264 19.93 13.44 5.18
C LYS A 264 20.91 12.52 4.52
N PHE A 265 21.96 13.09 3.93
CA PHE A 265 22.99 12.27 3.29
C PHE A 265 24.10 11.85 4.26
N GLY A 266 23.72 11.02 5.23
CA GLY A 266 24.62 10.46 6.22
C GLY A 266 25.13 9.09 5.80
N GLY A 267 25.86 8.43 6.68
CA GLY A 267 26.37 7.12 6.37
C GLY A 267 25.22 6.25 5.92
N ALA A 268 24.15 6.28 6.72
CA ALA A 268 22.84 5.77 6.34
C ALA A 268 21.95 6.97 6.07
N GLY A 269 21.06 6.85 5.11
CA GLY A 269 20.27 8.01 4.72
C GLY A 269 18.95 8.05 5.48
N ASP A 270 18.45 9.23 5.76
CA ASP A 270 17.15 9.38 6.40
C ASP A 270 16.32 10.29 5.57
N ILE A 271 15.01 10.12 5.69
CA ILE A 271 14.11 11.09 5.12
C ILE A 271 13.03 11.38 6.15
N ILE A 272 12.82 12.65 6.45
CA ILE A 272 11.97 13.05 7.57
C ILE A 272 11.08 14.12 6.97
N VAL A 273 9.78 14.07 7.28
CA VAL A 273 8.82 14.93 6.63
C VAL A 273 7.88 15.44 7.68
N ALA A 274 7.51 16.71 7.65
CA ALA A 274 6.47 17.19 8.53
C ALA A 274 5.12 17.06 7.80
N SER A 275 4.08 16.66 8.51
CA SER A 275 2.79 16.38 7.88
C SER A 275 1.69 16.59 8.90
N ALA A 276 0.53 17.08 8.45
CA ALA A 276 -0.63 17.15 9.34
C ALA A 276 -1.33 15.80 9.39
N THR A 277 -0.88 14.86 8.56
CA THR A 277 -1.57 13.59 8.37
C THR A 277 -0.84 12.54 9.17
N ALA A 278 -1.54 11.88 10.08
CA ALA A 278 -0.92 10.70 10.69
C ALA A 278 -1.47 9.50 9.95
N LYS A 279 -0.58 8.73 9.36
CA LYS A 279 -1.04 7.64 8.53
C LYS A 279 0.15 6.74 8.37
N SER A 280 0.09 5.70 9.17
CA SER A 280 1.12 4.69 9.20
C SER A 280 1.29 4.20 7.78
N ASP A 281 2.38 3.50 7.53
CA ASP A 281 2.47 2.76 6.29
C ASP A 281 3.66 1.80 6.37
N PRO A 282 3.42 0.55 5.91
CA PRO A 282 4.38 -0.55 5.88
C PRO A 282 5.74 -0.09 5.45
N ARG A 283 5.82 1.11 4.92
CA ARG A 283 6.99 1.49 4.15
C ARG A 283 7.85 2.52 4.90
N LEU A 284 7.25 3.17 5.88
CA LEU A 284 7.74 4.39 6.49
C LEU A 284 7.32 4.35 7.94
N TYR A 285 8.17 4.78 8.86
CA TYR A 285 7.81 4.75 10.29
C TYR A 285 7.23 6.10 10.74
N LEU A 286 6.39 6.08 11.76
CA LEU A 286 5.81 7.30 12.24
C LEU A 286 6.37 7.79 13.60
N ASP A 287 6.37 9.13 13.77
CA ASP A 287 6.73 9.78 15.03
C ASP A 287 5.83 10.98 15.15
N TYR A 288 5.70 11.55 16.36
CA TYR A 288 5.12 12.86 16.49
C TYR A 288 6.18 13.88 16.15
N HIS A 289 5.82 14.98 15.50
CA HIS A 289 6.80 16.06 15.38
C HIS A 289 6.99 16.72 16.73
N LEU A 290 8.04 17.53 16.88
CA LEU A 290 8.16 18.34 18.09
C LEU A 290 7.14 19.46 17.97
N VAL A 291 6.94 19.97 16.75
CA VAL A 291 5.93 21.00 16.52
C VAL A 291 4.50 20.48 16.83
N PRO A 292 3.85 21.13 17.79
CA PRO A 292 2.57 20.66 18.30
C PRO A 292 1.59 20.52 17.19
N GLY A 293 0.95 19.38 17.04
CA GLY A 293 -0.07 19.27 16.03
C GLY A 293 0.41 18.52 14.82
N LEU A 294 1.72 18.46 14.64
CA LEU A 294 2.24 17.78 13.47
C LEU A 294 2.77 16.39 13.79
N TYR A 295 2.76 15.54 12.74
CA TYR A 295 3.41 14.25 12.73
C TYR A 295 4.69 14.32 11.90
N ALA A 296 5.54 13.30 12.02
CA ALA A 296 6.82 13.27 11.30
C ALA A 296 7.12 11.89 10.72
N PRO A 297 6.36 11.49 9.69
CA PRO A 297 6.69 10.20 9.06
C PRO A 297 8.13 10.25 8.63
N ASN A 298 8.88 9.19 8.80
CA ASN A 298 10.29 9.17 8.41
C ASN A 298 10.70 7.81 7.90
N GLY A 299 11.84 7.78 7.24
CA GLY A 299 12.36 6.56 6.69
C GLY A 299 13.86 6.65 6.72
N CYS A 300 14.48 5.52 6.46
CA CYS A 300 15.90 5.36 6.60
C CYS A 300 16.33 4.54 5.41
N MSE A 301 17.47 4.83 4.81
CA MSE A 301 18.03 3.84 3.92
C MSE A 301 19.38 3.35 4.38
O MSE A 301 20.31 4.13 4.64
CB MSE A 301 18.14 4.34 2.50
CG MSE A 301 16.83 4.45 1.80
SE MSE A 301 17.12 6.01 0.66
CE MSE A 301 19.09 5.58 0.29
N ALA A 302 19.50 2.04 4.42
CA ALA A 302 20.64 1.42 5.04
C ALA A 302 21.97 1.87 4.38
N ALA A 303 22.05 1.89 3.05
CA ALA A 303 23.36 2.17 2.47
C ALA A 303 23.33 3.47 1.70
N THR A 304 23.97 4.50 2.23
CA THR A 304 24.01 5.81 1.61
C THR A 304 25.43 6.35 1.50
N GLY A 305 25.89 7.11 2.48
CA GLY A 305 27.28 7.52 2.44
C GLY A 305 28.18 6.30 2.61
N SER A 306 27.69 5.30 3.34
CA SER A 306 28.40 4.03 3.52
C SER A 306 28.63 3.34 2.15
N ALA A 307 27.63 3.36 1.29
CA ALA A 307 27.77 2.72 -0.01
C ALA A 307 28.76 3.45 -0.91
N LEU A 308 28.88 4.75 -0.73
CA LEU A 308 29.85 5.54 -1.48
C LEU A 308 31.26 5.30 -0.95
N ASN A 309 31.39 5.16 0.36
CA ASN A 309 32.69 4.92 0.93
C ASN A 309 33.24 3.57 0.42
N TRP A 310 32.39 2.54 0.50
CA TRP A 310 32.68 1.25 -0.11
C TRP A 310 33.21 1.49 -1.53
N LEU A 311 32.39 2.08 -2.39
CA LEU A 311 32.74 2.13 -3.79
C LEU A 311 33.94 3.04 -4.07
N ALA A 312 34.09 4.12 -3.31
CA ALA A 312 35.23 4.99 -3.46
C ALA A 312 36.54 4.24 -3.21
N LYS A 313 36.50 3.29 -2.27
CA LYS A 313 37.71 2.53 -1.93
C LYS A 313 38.06 1.58 -3.06
N LEU A 314 37.04 0.94 -3.60
CA LEU A 314 37.22 0.08 -4.74
C LEU A 314 37.75 0.85 -5.96
N LEU A 315 37.20 2.04 -6.19
CA LEU A 315 37.44 2.77 -7.44
C LEU A 315 38.64 3.74 -7.39
N ALA A 316 38.95 4.22 -6.18
CA ALA A 316 40.04 5.15 -5.95
C ALA A 316 40.85 4.61 -4.78
N PRO A 317 41.41 3.41 -4.96
CA PRO A 317 42.04 2.65 -3.88
C PRO A 317 43.03 3.53 -3.13
N GLU A 318 44.00 4.08 -3.84
CA GLU A 318 45.00 4.89 -3.17
C GLU A 318 44.77 6.33 -3.51
N ALA A 319 43.58 6.86 -3.17
CA ALA A 319 43.30 8.26 -3.43
C ALA A 319 43.24 9.04 -2.12
N GLY A 320 43.15 8.33 -1.02
CA GLY A 320 43.05 8.99 0.27
C GLY A 320 41.73 9.71 0.41
N GLU A 321 41.73 10.87 1.09
CA GLU A 321 40.52 11.69 1.18
C GLU A 321 40.02 12.17 -0.17
N ALA A 322 40.94 12.47 -1.07
CA ALA A 322 40.51 13.08 -2.33
C ALA A 322 39.61 12.15 -3.14
N ALA A 323 39.43 10.90 -2.69
CA ALA A 323 38.73 9.88 -3.47
C ALA A 323 37.41 10.38 -4.01
N HIS A 324 36.52 10.79 -3.10
CA HIS A 324 35.24 11.36 -3.51
C HIS A 324 35.41 12.57 -4.41
N ALA A 325 36.25 13.51 -4.01
CA ALA A 325 36.43 14.64 -4.89
C ALA A 325 36.82 14.14 -6.29
N GLN A 326 37.78 13.22 -6.34
CA GLN A 326 38.29 12.78 -7.64
C GLN A 326 37.24 12.08 -8.48
N LEU A 327 36.51 11.13 -7.87
CA LEU A 327 35.36 10.46 -8.51
C LEU A 327 34.20 11.38 -8.85
N ASP A 328 33.97 12.41 -8.05
CA ASP A 328 32.89 13.36 -8.32
C ASP A 328 33.19 14.03 -9.62
N ALA A 329 34.45 14.43 -9.76
CA ALA A 329 34.91 15.09 -10.98
C ALA A 329 34.74 14.19 -12.20
N LEU A 330 35.07 12.91 -12.06
CA LEU A 330 34.93 12.02 -13.20
C LEU A 330 33.46 11.94 -13.57
N ALA A 331 32.59 11.74 -12.59
CA ALA A 331 31.16 11.54 -12.87
C ALA A 331 30.55 12.78 -13.54
N ALA A 332 31.04 13.96 -13.15
CA ALA A 332 30.73 15.22 -13.84
C ALA A 332 30.80 15.11 -15.36
N GLU A 333 31.83 14.46 -15.89
CA GLU A 333 32.02 14.38 -17.35
C GLU A 333 31.18 13.28 -18.02
N VAL A 334 30.21 12.76 -17.27
CA VAL A 334 29.46 11.61 -17.73
C VAL A 334 28.00 11.99 -17.79
N PRO A 335 27.30 11.56 -18.85
CA PRO A 335 25.91 12.01 -19.01
C PRO A 335 25.03 11.45 -17.92
N ALA A 336 24.00 12.19 -17.56
CA ALA A 336 22.90 11.71 -16.74
C ALA A 336 22.45 10.34 -17.22
N GLY A 337 22.29 9.37 -16.30
CA GLY A 337 21.88 8.02 -16.67
C GLY A 337 23.07 7.12 -16.91
N ALA A 338 24.26 7.71 -16.97
CA ALA A 338 25.52 6.96 -17.10
C ALA A 338 25.57 5.97 -18.25
N ASP A 339 24.91 6.26 -19.35
CA ASP A 339 25.07 5.45 -20.57
C ASP A 339 24.51 4.06 -20.37
N GLY A 340 23.35 3.97 -19.74
CA GLY A 340 22.66 2.69 -19.63
C GLY A 340 23.00 1.86 -18.41
N LEU A 341 23.87 2.38 -17.54
CA LEU A 341 24.15 1.75 -16.27
C LEU A 341 22.90 1.87 -15.41
N VAL A 342 22.57 0.82 -14.68
CA VAL A 342 21.48 0.91 -13.70
C VAL A 342 21.95 0.21 -12.44
N CYS A 343 21.92 0.92 -11.32
CA CYS A 343 22.34 0.34 -10.03
C CYS A 343 21.20 0.22 -8.99
N LEU A 344 21.09 -0.94 -8.34
CA LEU A 344 20.32 -1.07 -7.14
C LEU A 344 21.25 -0.96 -5.96
N PRO A 345 21.00 -0.01 -5.04
CA PRO A 345 21.96 0.31 -3.97
C PRO A 345 21.65 -0.38 -2.64
N TYR A 346 21.26 -1.65 -2.66
CA TYR A 346 20.91 -2.35 -1.43
C TYR A 346 22.00 -3.29 -0.85
N PHE A 347 23.10 -2.70 -0.42
CA PHE A 347 24.27 -3.43 0.04
C PHE A 347 24.12 -4.09 1.44
N LEU A 348 23.20 -3.59 2.24
CA LEU A 348 22.89 -4.20 3.53
C LEU A 348 21.49 -4.77 3.51
N GLY A 349 20.90 -4.79 2.34
CA GLY A 349 19.46 -4.92 2.25
C GLY A 349 18.90 -3.51 2.07
N GLU A 350 17.57 -3.41 2.11
CA GLU A 350 16.84 -2.17 1.95
C GLU A 350 15.95 -2.02 3.17
N LYS A 351 15.12 -0.98 3.23
CA LYS A 351 14.30 -0.67 4.40
C LYS A 351 13.07 0.15 4.02
N ASP A 356 11.98 -3.26 2.55
CA ASP A 356 11.73 -4.65 2.83
C ASP A 356 12.88 -5.65 2.91
N PRO A 357 13.30 -6.28 1.82
CA PRO A 357 13.91 -7.59 1.92
C PRO A 357 15.39 -7.53 2.02
N PHE A 358 16.00 -8.71 1.90
CA PHE A 358 17.40 -8.79 1.57
C PHE A 358 17.72 -8.96 0.07
N ALA A 359 17.56 -7.82 -0.57
CA ALA A 359 18.00 -7.54 -1.89
C ALA A 359 19.47 -7.20 -1.75
N SER A 360 20.22 -7.22 -2.81
CA SER A 360 21.62 -6.89 -2.65
C SER A 360 22.07 -5.94 -3.69
N GLY A 361 23.18 -5.28 -3.47
CA GLY A 361 23.74 -4.35 -4.44
C GLY A 361 23.78 -4.93 -5.83
N THR A 362 23.28 -4.18 -6.81
CA THR A 362 23.32 -4.63 -8.19
C THR A 362 23.82 -3.57 -9.18
N PHE A 363 24.74 -3.93 -10.06
CA PHE A 363 25.08 -3.06 -11.17
C PHE A 363 24.79 -3.82 -12.42
N THR A 364 24.13 -3.16 -13.38
CA THR A 364 23.73 -3.85 -14.59
C THR A 364 23.82 -2.91 -15.77
N GLY A 365 23.86 -3.45 -16.99
CA GLY A 365 23.99 -2.62 -18.17
C GLY A 365 25.43 -2.23 -18.43
N LEU A 366 26.36 -2.95 -17.77
CA LEU A 366 27.79 -2.69 -17.93
C LEU A 366 28.33 -3.09 -19.29
N SER A 367 29.29 -2.32 -19.79
CA SER A 367 29.95 -2.62 -21.04
C SER A 367 31.38 -2.16 -20.90
N LEU A 368 32.26 -2.63 -21.77
CA LEU A 368 33.68 -2.29 -21.68
C LEU A 368 33.95 -0.81 -21.92
N SER A 369 32.91 -0.08 -22.31
CA SER A 369 32.98 1.37 -22.43
C SER A 369 32.88 2.10 -21.09
N HIS A 370 32.17 1.56 -20.11
CA HIS A 370 32.07 2.30 -18.86
C HIS A 370 33.39 2.48 -18.13
N THR A 371 33.50 3.60 -17.43
CA THR A 371 34.72 4.08 -16.78
C THR A 371 34.40 4.23 -15.32
N ARG A 372 35.41 4.53 -14.50
CA ARG A 372 35.10 4.68 -13.08
C ARG A 372 34.06 5.79 -12.80
N GLY A 373 34.03 6.79 -13.66
CA GLY A 373 33.05 7.86 -13.58
C GLY A 373 31.62 7.39 -13.73
N HIS A 374 31.37 6.51 -14.71
CA HIS A 374 30.05 5.92 -14.90
C HIS A 374 29.65 5.11 -13.66
N LEU A 375 30.57 4.32 -13.12
CA LEU A 375 30.23 3.53 -11.95
C LEU A 375 29.85 4.40 -10.77
N TRP A 376 30.70 5.39 -10.50
CA TRP A 376 30.44 6.35 -9.43
C TRP A 376 29.09 7.06 -9.64
N ARG A 377 28.87 7.47 -10.87
CA ARG A 377 27.66 8.21 -11.20
C ARG A 377 26.42 7.37 -10.99
N ALA A 378 26.48 6.14 -11.49
CA ALA A 378 25.37 5.23 -11.39
C ALA A 378 25.01 5.06 -9.93
N LEU A 379 26.01 4.97 -9.06
CA LEU A 379 25.73 4.82 -7.63
C LEU A 379 25.11 6.10 -7.11
N LEU A 380 25.67 7.24 -7.52
CA LEU A 380 25.14 8.52 -7.09
C LEU A 380 23.65 8.63 -7.46
N GLU A 381 23.35 8.23 -8.70
CA GLU A 381 22.03 8.36 -9.24
C GLU A 381 21.10 7.37 -8.56
N ALA A 382 21.58 6.14 -8.36
CA ALA A 382 20.78 5.15 -7.64
C ALA A 382 20.37 5.65 -6.23
N VAL A 383 21.29 6.22 -5.49
CA VAL A 383 20.93 6.68 -4.16
C VAL A 383 19.85 7.72 -4.27
N ALA A 384 20.01 8.66 -5.20
CA ALA A 384 19.00 9.70 -5.47
C ALA A 384 17.66 9.06 -5.75
N LEU A 385 17.69 8.07 -6.63
CA LEU A 385 16.50 7.36 -7.03
C LEU A 385 15.76 6.70 -5.89
N ALA A 386 16.50 6.15 -4.95
CA ALA A 386 15.89 5.55 -3.76
C ALA A 386 15.24 6.64 -2.92
N PHE A 387 15.89 7.79 -2.87
CA PHE A 387 15.29 8.94 -2.18
C PHE A 387 13.98 9.33 -2.87
N ARG A 388 14.00 9.37 -4.19
CA ARG A 388 12.79 9.68 -4.95
C ARG A 388 11.63 8.74 -4.59
N HIS A 389 11.95 7.45 -4.51
CA HIS A 389 10.98 6.40 -4.21
C HIS A 389 10.25 6.65 -2.87
N HIS A 390 11.01 6.85 -1.80
CA HIS A 390 10.45 7.37 -0.56
C HIS A 390 9.49 8.56 -0.75
N VAL A 391 9.92 9.55 -1.52
CA VAL A 391 9.11 10.74 -1.73
C VAL A 391 7.78 10.32 -2.38
N ALA A 392 7.86 9.43 -3.36
CA ALA A 392 6.67 8.95 -4.04
C ALA A 392 5.79 8.26 -3.01
N VAL A 393 6.41 7.50 -2.13
CA VAL A 393 5.62 6.86 -1.10
C VAL A 393 4.97 7.90 -0.20
N LEU A 394 5.73 8.89 0.24
CA LEU A 394 5.16 9.95 1.09
C LEU A 394 3.91 10.54 0.42
N ASP A 395 4.09 10.92 -0.83
CA ASP A 395 3.03 11.40 -1.68
C ASP A 395 1.82 10.48 -1.68
N ASP A 396 2.05 9.20 -1.93
CA ASP A 396 0.98 8.22 -1.96
C ASP A 396 0.18 8.20 -0.67
N ILE A 397 0.87 8.31 0.45
CA ILE A 397 0.17 8.16 1.73
C ILE A 397 -0.59 9.42 2.06
N GLY A 398 -0.29 10.51 1.37
CA GLY A 398 -1.01 11.73 1.66
C GLY A 398 -0.21 12.74 2.47
N HIS A 399 1.09 12.55 2.60
CA HIS A 399 1.90 13.57 3.29
C HIS A 399 2.30 14.77 2.42
N ALA A 400 2.01 14.69 1.12
CA ALA A 400 2.18 15.85 0.24
C ALA A 400 3.54 16.55 0.35
N PRO A 401 4.64 15.80 0.16
CA PRO A 401 6.00 16.36 0.24
C PRO A 401 6.16 17.54 -0.73
N GLN A 402 6.67 18.70 -0.33
CA GLN A 402 6.83 19.76 -1.32
C GLN A 402 8.03 20.68 -1.18
N ARG A 403 8.48 20.88 0.05
CA ARG A 403 9.60 21.77 0.31
C ARG A 403 10.76 20.93 0.85
N PHE A 404 11.87 20.92 0.10
CA PHE A 404 12.96 19.95 0.29
C PHE A 404 14.27 20.55 0.75
N PHE A 405 14.91 19.85 1.69
CA PHE A 405 16.15 20.31 2.28
C PHE A 405 17.11 19.14 2.25
N ALA A 406 18.39 19.40 2.03
CA ALA A 406 19.37 18.35 2.23
C ALA A 406 20.40 18.80 3.26
N SER A 407 20.87 17.84 4.05
CA SER A 407 21.85 18.12 5.08
C SER A 407 22.83 16.96 5.12
N ASP A 408 23.82 17.08 5.99
CA ASP A 408 24.86 16.07 6.19
C ASP A 408 25.89 16.01 5.07
N GLY A 409 26.76 15.01 5.20
CA GLY A 409 27.97 14.89 4.42
C GLY A 409 27.84 14.95 2.92
N GLY A 410 26.80 14.33 2.36
CA GLY A 410 26.67 14.27 0.93
C GLY A 410 26.46 15.65 0.32
N THR A 411 25.98 16.60 1.12
CA THR A 411 25.78 17.95 0.62
C THR A 411 27.08 18.62 0.22
N ARG A 412 28.21 18.10 0.66
CA ARG A 412 29.48 18.63 0.21
C ARG A 412 29.78 18.27 -1.26
N SER A 413 28.99 17.38 -1.86
CA SER A 413 29.16 17.08 -3.28
C SER A 413 28.17 17.82 -4.18
N ARG A 414 28.68 18.78 -4.96
CA ARG A 414 27.83 19.61 -5.80
C ARG A 414 27.28 18.74 -6.94
N VAL A 415 28.07 17.76 -7.33
CA VAL A 415 27.60 16.87 -8.36
C VAL A 415 26.43 16.01 -7.85
N TRP A 416 26.55 15.50 -6.62
CA TRP A 416 25.54 14.59 -6.10
C TRP A 416 24.25 15.38 -5.96
N MSE A 417 24.34 16.57 -5.38
CA MSE A 417 23.17 17.40 -5.12
C MSE A 417 22.50 17.87 -6.44
O MSE A 417 21.27 17.90 -6.52
CB MSE A 417 23.53 18.57 -4.22
CG MSE A 417 24.04 18.15 -2.87
SE MSE A 417 22.75 17.03 -1.81
CE MSE A 417 23.30 15.24 -2.46
N GLY A 418 23.29 18.22 -7.45
CA GLY A 418 22.75 18.50 -8.76
C GLY A 418 21.97 17.28 -9.21
N ILE A 419 22.57 16.11 -9.04
CA ILE A 419 21.89 14.88 -9.42
C ILE A 419 20.59 14.72 -8.64
N MSE A 420 20.65 14.93 -7.33
CA MSE A 420 19.45 14.78 -6.51
C MSE A 420 18.31 15.66 -7.00
O MSE A 420 17.18 15.21 -7.14
CB MSE A 420 19.74 15.14 -5.06
CG MSE A 420 18.54 14.97 -4.13
SE MSE A 420 18.19 13.05 -3.80
CE MSE A 420 16.46 12.87 -4.77
N ALA A 421 18.61 16.95 -7.26
CA ALA A 421 17.60 17.88 -7.69
C ALA A 421 17.04 17.51 -9.05
N ASP A 422 17.93 17.14 -9.98
CA ASP A 422 17.49 16.77 -11.33
C ASP A 422 16.61 15.51 -11.34
N VAL A 423 16.75 14.71 -10.29
CA VAL A 423 15.99 13.45 -10.23
C VAL A 423 14.65 13.71 -9.56
N LEU A 424 14.72 14.57 -8.56
CA LEU A 424 13.56 14.89 -7.79
C LEU A 424 12.75 15.89 -8.61
N GLN A 425 13.43 16.80 -9.30
CA GLN A 425 12.70 17.76 -10.13
C GLN A 425 11.94 18.68 -9.16
N ARG A 426 12.60 19.01 -8.05
CA ARG A 426 12.18 20.11 -7.20
C ARG A 426 13.40 20.78 -6.63
N PRO A 427 13.29 22.07 -6.29
CA PRO A 427 14.48 22.73 -5.73
C PRO A 427 14.91 22.08 -4.43
N VAL A 428 16.21 21.96 -4.19
CA VAL A 428 16.67 21.34 -2.95
C VAL A 428 17.47 22.37 -2.15
N GLN A 429 17.05 22.69 -0.94
CA GLN A 429 17.80 23.65 -0.12
C GLN A 429 18.87 22.94 0.72
N LEU A 430 20.14 23.14 0.38
CA LEU A 430 21.25 22.55 1.12
C LEU A 430 21.47 23.34 2.41
N LEU A 431 21.91 22.65 3.46
CA LEU A 431 22.23 23.29 4.73
C LEU A 431 23.24 22.43 5.49
N ALA A 432 23.92 23.06 6.43
CA ALA A 432 24.81 22.31 7.30
C ALA A 432 24.29 22.42 8.72
N ASN A 433 24.28 21.30 9.43
CA ASN A 433 23.74 21.31 10.78
C ASN A 433 24.67 20.46 11.59
N PRO A 434 25.88 20.97 11.86
CA PRO A 434 26.95 20.15 12.41
C PRO A 434 26.69 19.80 13.88
N LEU A 435 26.36 20.80 14.68
CA LEU A 435 26.12 20.60 16.11
C LEU A 435 25.03 19.58 16.30
N GLY A 436 24.14 19.43 15.31
CA GLY A 436 23.15 18.37 15.33
C GLY A 436 21.79 18.57 16.04
N SER A 437 21.40 17.49 16.75
CA SER A 437 20.12 17.40 17.42
C SER A 437 20.01 18.34 18.62
N ALA A 438 21.16 18.71 19.18
CA ALA A 438 21.14 19.52 20.41
C ALA A 438 20.45 20.80 20.10
N VAL A 439 20.65 21.27 18.87
CA VAL A 439 19.98 22.49 18.39
C VAL A 439 18.46 22.40 18.31
N GLY A 440 17.95 21.27 17.78
CA GLY A 440 16.52 21.03 17.76
C GLY A 440 16.05 21.10 19.20
N ALA A 441 16.88 20.62 20.12
CA ALA A 441 16.49 20.62 21.53
C ALA A 441 16.52 21.99 22.22
N ALA A 442 17.57 22.78 22.02
CA ALA A 442 17.55 24.15 22.53
C ALA A 442 16.27 24.84 22.04
N TRP A 443 15.89 24.58 20.78
CA TRP A 443 14.76 25.29 20.21
C TRP A 443 13.46 25.01 20.94
N VAL A 444 13.31 23.80 21.46
CA VAL A 444 12.09 23.48 22.16
C VAL A 444 11.96 24.35 23.39
N ALA A 445 13.07 24.59 24.04
CA ALA A 445 13.04 25.35 25.27
C ALA A 445 12.97 26.81 24.92
N ALA A 446 13.48 27.15 23.74
CA ALA A 446 13.47 28.55 23.29
C ALA A 446 12.02 29.02 23.12
N ILE A 447 11.22 28.19 22.44
CA ILE A 447 9.86 28.53 22.17
C ILE A 447 9.02 28.42 23.43
N GLY A 448 9.49 27.70 24.44
CA GLY A 448 8.73 27.62 25.67
C GLY A 448 8.96 28.81 26.60
N GLY A 449 10.09 29.48 26.47
CA GLY A 449 10.37 30.63 27.32
C GLY A 449 10.00 32.00 26.74
N GLY A 450 9.15 32.02 25.73
CA GLY A 450 8.57 33.27 25.25
C GLY A 450 7.90 32.98 23.95
N ASP A 451 7.28 34.01 23.38
CA ASP A 451 6.59 33.90 22.08
C ASP A 451 7.12 34.93 21.09
N ASP A 452 8.31 35.45 21.38
CA ASP A 452 9.00 36.29 20.41
C ASP A 452 9.52 35.44 19.24
N LEU A 453 9.34 34.14 19.29
CA LEU A 453 9.88 33.27 18.27
C LEU A 453 8.97 32.21 17.79
N GLY A 454 9.04 31.89 16.52
CA GLY A 454 8.34 30.74 16.01
C GLY A 454 9.24 29.55 15.79
N TRP A 455 8.67 28.38 15.54
CA TRP A 455 9.42 27.17 15.30
C TRP A 455 10.33 27.31 14.10
N ASP A 456 9.74 27.71 13.02
CA ASP A 456 10.24 28.60 12.02
C ASP A 456 11.65 29.18 12.21
N ASP A 457 11.88 29.74 13.37
CA ASP A 457 13.04 30.53 13.56
C ASP A 457 14.32 29.79 13.86
N VAL A 458 14.21 28.49 14.09
CA VAL A 458 15.32 27.65 14.40
C VAL A 458 16.47 27.85 13.45
N THR A 459 16.16 28.18 12.22
CA THR A 459 17.14 28.07 11.19
C THR A 459 18.23 29.13 11.19
N ALA A 460 18.04 30.14 12.03
CA ALA A 460 19.03 31.13 12.39
C ALA A 460 20.19 30.50 13.06
N LEU A 461 20.06 29.25 13.44
CA LEU A 461 21.10 28.56 14.16
C LEU A 461 21.79 27.59 13.30
N VAL A 462 21.32 27.45 12.08
CA VAL A 462 22.04 26.60 11.18
C VAL A 462 22.55 27.30 9.94
N ARG A 463 23.45 26.62 9.28
CA ARG A 463 24.20 27.10 8.15
C ARG A 463 23.46 26.75 6.87
N THR A 464 22.40 27.46 6.58
CA THR A 464 21.67 27.31 5.35
C THR A 464 22.52 27.73 4.18
N GLY A 465 22.51 26.97 3.13
CA GLY A 465 23.42 27.23 2.05
C GLY A 465 22.80 27.37 0.70
N GLU A 466 23.38 26.75 -0.28
CA GLU A 466 22.92 26.92 -1.63
C GLU A 466 21.60 26.19 -1.89
N LYS A 467 20.68 26.88 -2.54
CA LYS A 467 19.46 26.27 -3.00
C LYS A 467 19.62 25.87 -4.45
N ILE A 468 19.52 24.58 -4.75
CA ILE A 468 19.88 24.15 -6.08
C ILE A 468 18.64 23.95 -6.91
N THR A 469 18.54 24.53 -8.12
CA THR A 469 17.35 24.24 -8.95
C THR A 469 17.59 23.11 -9.97
N PRO A 470 16.57 22.30 -10.19
CA PRO A 470 16.74 21.21 -11.14
C PRO A 470 16.86 21.77 -12.57
N ASP A 471 17.42 20.98 -13.46
CA ASP A 471 17.30 21.28 -14.85
C ASP A 471 16.16 20.47 -15.46
N PRO A 472 15.10 21.16 -15.91
CA PRO A 472 13.88 20.47 -16.30
C PRO A 472 14.11 19.58 -17.49
N ALA A 473 15.15 19.82 -18.26
CA ALA A 473 15.48 19.00 -19.41
C ALA A 473 15.98 17.62 -19.05
N LYS A 474 16.37 17.44 -17.79
CA LYS A 474 16.81 16.20 -17.20
C LYS A 474 15.68 15.37 -16.66
N ALA A 475 14.49 15.91 -16.58
CA ALA A 475 13.39 15.17 -16.01
C ALA A 475 13.07 13.90 -16.79
N GLU A 476 13.27 13.94 -18.09
CA GLU A 476 12.90 12.86 -18.95
C GLU A 476 13.87 11.66 -18.91
N VAL A 477 15.16 11.90 -18.84
CA VAL A 477 16.09 10.85 -18.56
C VAL A 477 15.99 10.30 -17.14
N TYR A 478 15.90 11.12 -16.12
CA TYR A 478 15.81 10.56 -14.79
C TYR A 478 14.48 9.83 -14.52
N ASP A 479 13.40 10.29 -15.18
CA ASP A 479 12.14 9.58 -15.15
C ASP A 479 12.27 8.15 -15.68
N ARG A 480 12.91 8.02 -16.84
CA ARG A 480 13.17 6.71 -17.44
C ARG A 480 14.13 5.91 -16.57
N LEU A 481 15.14 6.57 -16.00
CA LEU A 481 16.04 5.83 -15.09
C LEU A 481 15.24 5.30 -13.94
N TYR A 482 14.38 6.16 -13.39
CA TYR A 482 13.50 5.78 -12.28
C TYR A 482 12.66 4.56 -12.66
N ARG A 483 12.10 4.60 -13.85
CA ARG A 483 11.31 3.49 -14.35
C ARG A 483 12.22 2.25 -14.44
N ASP A 484 13.44 2.42 -14.97
CA ASP A 484 14.38 1.29 -15.00
C ASP A 484 14.74 0.70 -13.63
N PHE A 485 15.09 1.56 -12.69
CA PHE A 485 15.46 1.19 -11.36
C PHE A 485 14.35 0.34 -10.74
N SER A 486 13.13 0.83 -10.86
CA SER A 486 11.95 0.14 -10.36
C SER A 486 11.75 -1.22 -11.00
N ALA A 487 11.91 -1.28 -12.32
CA ALA A 487 11.74 -2.51 -13.05
C ALA A 487 12.93 -3.47 -12.82
N LEU A 488 14.10 -2.92 -12.52
CA LEU A 488 15.24 -3.76 -12.20
C LEU A 488 14.90 -4.56 -10.94
N TYR A 489 14.48 -3.85 -9.89
CA TYR A 489 14.13 -4.47 -8.63
C TYR A 489 12.97 -5.45 -8.69
N ALA A 490 11.90 -5.06 -9.37
CA ALA A 490 10.79 -5.98 -9.54
C ALA A 490 11.24 -7.24 -10.31
N THR A 491 12.13 -7.07 -11.27
CA THR A 491 12.57 -8.21 -12.05
C THR A 491 13.47 -9.13 -11.24
N LEU A 492 14.35 -8.54 -10.43
CA LEU A 492 15.30 -9.30 -9.61
C LEU A 492 14.71 -9.80 -8.29
N HIS A 493 13.47 -9.47 -8.00
CA HIS A 493 12.86 -9.91 -6.73
C HIS A 493 12.86 -11.43 -6.49
N PRO A 494 12.20 -12.21 -7.37
CA PRO A 494 12.12 -13.66 -7.24
C PRO A 494 13.50 -14.28 -7.10
N PHE A 495 14.41 -13.82 -7.95
CA PHE A 495 15.80 -14.24 -7.89
C PHE A 495 16.47 -13.95 -6.53
N PHE A 496 16.10 -12.85 -5.88
CA PHE A 496 16.68 -12.48 -4.58
C PHE A 496 16.09 -13.34 -3.48
N HIS A 497 14.90 -13.89 -3.72
CA HIS A 497 14.23 -14.68 -2.67
C HIS A 497 14.15 -16.14 -3.07
N ARG A 498 14.92 -16.50 -4.07
CA ARG A 498 15.26 -17.89 -4.30
C ARG A 498 16.12 -18.31 -3.12
N ARG B 7 -38.71 -6.67 6.42
CA ARG B 7 -37.98 -5.55 5.82
C ARG B 7 -37.52 -5.87 4.38
N GLN B 8 -37.81 -4.97 3.46
CA GLN B 8 -37.73 -5.27 2.05
C GLN B 8 -36.75 -4.39 1.31
N VAL B 9 -36.29 -4.93 0.20
CA VAL B 9 -35.17 -4.34 -0.47
C VAL B 9 -35.19 -4.81 -1.94
N ILE B 10 -34.69 -3.97 -2.85
CA ILE B 10 -34.75 -4.29 -4.27
C ILE B 10 -33.33 -4.35 -4.83
N GLY B 11 -33.07 -5.41 -5.59
CA GLY B 11 -31.85 -5.51 -6.37
C GLY B 11 -32.19 -5.28 -7.86
N LEU B 12 -31.50 -4.33 -8.47
CA LEU B 12 -31.71 -4.07 -9.90
C LEU B 12 -30.41 -4.22 -10.70
N ASP B 13 -30.45 -5.13 -11.70
CA ASP B 13 -29.28 -5.51 -12.51
C ASP B 13 -29.44 -5.10 -13.96
N ILE B 14 -28.68 -4.07 -14.35
CA ILE B 14 -28.61 -3.64 -15.73
C ILE B 14 -27.57 -4.50 -16.40
N GLY B 15 -28.00 -5.66 -16.86
CA GLY B 15 -27.07 -6.64 -17.36
C GLY B 15 -26.97 -6.53 -18.86
N THR B 16 -26.11 -7.36 -19.40
CA THR B 16 -25.79 -7.30 -20.78
C THR B 16 -26.91 -7.81 -21.66
N THR B 17 -27.51 -8.96 -21.36
CA THR B 17 -28.61 -9.43 -22.25
C THR B 17 -29.99 -9.38 -21.61
N SER B 18 -30.04 -8.87 -20.39
CA SER B 18 -31.33 -8.61 -19.77
C SER B 18 -31.27 -7.66 -18.57
N THR B 19 -32.43 -7.14 -18.21
CA THR B 19 -32.52 -6.31 -17.07
C THR B 19 -33.39 -7.05 -16.07
N ILE B 20 -32.87 -7.23 -14.87
CA ILE B 20 -33.49 -8.06 -13.83
C ILE B 20 -33.67 -7.28 -12.53
N ALA B 21 -34.84 -7.38 -11.92
CA ALA B 21 -35.03 -6.83 -10.59
C ALA B 21 -35.58 -7.90 -9.66
N ILE B 22 -35.24 -7.80 -8.38
CA ILE B 22 -35.71 -8.74 -7.35
C ILE B 22 -36.19 -7.95 -6.16
N LEU B 23 -37.33 -8.40 -5.66
CA LEU B 23 -37.91 -7.94 -4.43
C LEU B 23 -37.58 -8.95 -3.37
N VAL B 24 -36.81 -8.55 -2.41
CA VAL B 24 -36.28 -9.44 -1.43
C VAL B 24 -36.68 -9.02 -0.08
N ARG B 25 -37.31 -9.92 0.62
CA ARG B 25 -37.77 -9.74 1.98
C ARG B 25 -36.77 -10.42 2.86
N LEU B 26 -36.27 -9.69 3.84
CA LEU B 26 -35.14 -10.11 4.64
C LEU B 26 -35.47 -11.16 5.68
N PRO B 27 -34.64 -12.19 5.81
CA PRO B 27 -33.31 -12.25 5.21
C PRO B 27 -33.15 -13.35 4.21
N ASP B 28 -34.26 -13.81 3.68
CA ASP B 28 -34.34 -15.17 3.21
C ASP B 28 -35.15 -15.46 1.95
N THR B 29 -35.96 -14.50 1.57
CA THR B 29 -37.15 -14.75 0.86
C THR B 29 -37.34 -13.93 -0.38
N VAL B 30 -37.33 -14.57 -1.53
CA VAL B 30 -37.51 -13.79 -2.73
C VAL B 30 -38.97 -13.58 -2.96
N VAL B 31 -39.44 -12.36 -2.83
CA VAL B 31 -40.87 -12.07 -3.07
C VAL B 31 -41.26 -12.05 -4.55
N ALA B 32 -40.40 -11.46 -5.39
CA ALA B 32 -40.73 -11.41 -6.80
C ALA B 32 -39.50 -11.25 -7.66
N VAL B 33 -39.54 -11.82 -8.85
CA VAL B 33 -38.49 -11.55 -9.83
C VAL B 33 -39.07 -11.02 -11.13
N ALA B 34 -38.39 -10.03 -11.73
CA ALA B 34 -38.77 -9.56 -13.06
C ALA B 34 -37.60 -9.25 -13.99
N SER B 35 -37.81 -9.49 -15.29
CA SER B 35 -36.75 -9.30 -16.28
C SER B 35 -37.27 -8.89 -17.66
N ARG B 36 -36.41 -8.25 -18.42
CA ARG B 36 -36.76 -7.86 -19.77
C ARG B 36 -35.52 -8.08 -20.58
N PRO B 37 -35.67 -8.55 -21.81
CA PRO B 37 -34.45 -8.72 -22.60
C PRO B 37 -33.76 -7.36 -22.93
N THR B 38 -32.43 -7.39 -23.10
CA THR B 38 -31.66 -6.21 -23.50
C THR B 38 -30.87 -6.51 -24.74
N THR B 39 -30.72 -5.54 -25.61
CA THR B 39 -30.16 -5.81 -26.93
C THR B 39 -28.68 -5.44 -27.06
N LEU B 40 -27.87 -6.44 -27.38
CA LEU B 40 -26.49 -6.17 -27.73
C LEU B 40 -26.43 -5.93 -29.22
N SER B 41 -25.86 -4.81 -29.58
CA SER B 41 -25.78 -4.35 -30.96
C SER B 41 -24.32 -4.39 -31.43
N SER B 42 -24.04 -5.01 -32.57
CA SER B 42 -22.74 -4.78 -33.23
C SER B 42 -22.86 -4.28 -34.68
N PRO B 43 -22.81 -2.95 -34.85
CA PRO B 43 -22.94 -2.25 -36.13
C PRO B 43 -21.73 -2.51 -37.06
N HIS B 44 -20.65 -3.02 -36.48
CA HIS B 44 -19.47 -3.43 -37.23
C HIS B 44 -18.82 -4.53 -36.44
N PRO B 45 -18.03 -5.39 -37.12
CA PRO B 45 -17.42 -6.53 -36.43
C PRO B 45 -16.63 -6.10 -35.17
N GLY B 46 -16.83 -6.82 -34.07
CA GLY B 46 -16.11 -6.50 -32.85
C GLY B 46 -16.71 -5.35 -32.06
N TRP B 47 -17.68 -4.64 -32.63
CA TRP B 47 -18.37 -3.56 -31.92
C TRP B 47 -19.37 -4.17 -30.94
N ALA B 48 -19.60 -3.47 -29.84
CA ALA B 48 -20.50 -3.96 -28.81
C ALA B 48 -21.14 -2.77 -28.19
N GLU B 49 -22.42 -2.56 -28.49
CA GLU B 49 -23.08 -1.32 -28.10
C GLU B 49 -24.43 -1.63 -27.51
N GLU B 50 -24.93 -0.73 -26.68
CA GLU B 50 -26.32 -0.82 -26.22
C GLU B 50 -26.98 0.52 -26.12
N ASP B 51 -28.30 0.49 -25.93
CA ASP B 51 -29.09 1.67 -25.91
C ASP B 51 -29.56 2.06 -24.53
N PRO B 52 -28.97 3.14 -23.98
CA PRO B 52 -29.28 3.38 -22.56
C PRO B 52 -30.77 3.56 -22.32
N ALA B 53 -31.50 4.07 -23.30
CA ALA B 53 -32.96 4.21 -23.19
C ALA B 53 -33.68 2.85 -23.08
N GLN B 54 -33.10 1.80 -23.62
CA GLN B 54 -33.67 0.47 -23.43
C GLN B 54 -33.43 0.04 -21.97
N TRP B 55 -32.27 0.37 -21.44
CA TRP B 55 -32.01 0.08 -20.04
C TRP B 55 -33.05 0.76 -19.20
N TRP B 56 -33.25 2.04 -19.42
CA TRP B 56 -34.09 2.80 -18.52
C TRP B 56 -35.52 2.29 -18.61
N ASP B 57 -35.87 1.93 -19.83
CA ASP B 57 -37.21 1.53 -20.12
C ASP B 57 -37.50 0.16 -19.58
N ASN B 58 -36.52 -0.71 -19.68
CA ASN B 58 -36.55 -2.02 -18.99
C ASN B 58 -36.66 -1.86 -17.46
N ALA B 59 -35.86 -0.95 -16.90
CA ALA B 59 -35.86 -0.69 -15.47
C ALA B 59 -37.26 -0.29 -15.03
N ARG B 60 -37.85 0.67 -15.74
CA ARG B 60 -39.20 1.13 -15.45
C ARG B 60 -40.14 -0.05 -15.38
N ALA B 61 -40.14 -0.89 -16.41
CA ALA B 61 -41.07 -2.00 -16.50
C ALA B 61 -40.85 -3.07 -15.42
N VAL B 62 -39.60 -3.50 -15.20
CA VAL B 62 -39.39 -4.56 -14.22
C VAL B 62 -39.72 -4.08 -12.83
N LEU B 63 -39.45 -2.82 -12.53
CA LEU B 63 -39.74 -2.32 -11.20
C LEU B 63 -41.25 -2.31 -10.95
N ALA B 64 -41.98 -1.77 -11.90
CA ALA B 64 -43.44 -1.76 -11.79
C ALA B 64 -43.96 -3.21 -11.67
N GLU B 65 -43.35 -4.13 -12.41
CA GLU B 65 -43.80 -5.53 -12.33
C GLU B 65 -43.57 -6.11 -10.94
N LEU B 66 -42.45 -5.77 -10.32
CA LEU B 66 -42.21 -6.17 -8.94
C LEU B 66 -43.42 -5.80 -8.08
N LYS B 67 -43.96 -4.60 -8.32
CA LYS B 67 -45.01 -4.06 -7.49
C LYS B 67 -46.35 -4.73 -7.82
N THR B 68 -46.62 -4.90 -9.10
CA THR B 68 -47.82 -5.62 -9.53
C THR B 68 -47.86 -7.08 -9.06
N THR B 69 -46.69 -7.74 -9.08
CA THR B 69 -46.52 -9.11 -8.61
C THR B 69 -46.66 -9.21 -7.09
N ALA B 70 -46.18 -8.24 -6.34
CA ALA B 70 -46.32 -8.27 -4.91
C ALA B 70 -47.74 -7.89 -4.42
N GLY B 71 -48.38 -6.96 -5.07
CA GLY B 71 -49.62 -6.52 -4.58
C GLY B 71 -49.33 -5.59 -3.45
N GLU B 72 -50.30 -4.75 -3.12
CA GLU B 72 -50.14 -3.67 -2.20
C GLU B 72 -49.86 -4.23 -0.88
N SER B 73 -50.27 -5.45 -0.67
CA SER B 73 -50.12 -6.02 0.62
C SER B 73 -48.71 -6.54 0.88
N ASP B 74 -48.01 -6.95 -0.12
CA ASP B 74 -46.59 -7.32 -0.01
C ASP B 74 -45.58 -6.31 -0.55
N TRP B 75 -46.00 -5.07 -0.74
CA TRP B 75 -45.15 -4.04 -1.32
C TRP B 75 -44.64 -3.05 -0.25
N ARG B 76 -43.40 -3.26 0.23
CA ARG B 76 -42.81 -2.37 1.23
C ARG B 76 -41.31 -2.27 1.06
N PRO B 77 -40.82 -1.87 -0.15
CA PRO B 77 -39.38 -1.72 -0.32
C PRO B 77 -38.88 -0.66 0.64
N GLY B 78 -37.74 -0.84 1.26
CA GLY B 78 -37.14 0.23 2.02
C GLY B 78 -35.86 0.77 1.38
N GLY B 79 -35.41 0.15 0.28
CA GLY B 79 -34.22 0.60 -0.38
C GLY B 79 -33.88 -0.11 -1.68
N ILE B 80 -33.06 0.52 -2.50
CA ILE B 80 -32.68 -0.04 -3.77
C ILE B 80 -31.23 0.21 -4.12
N CYS B 81 -30.62 -0.78 -4.78
CA CYS B 81 -29.27 -0.65 -5.31
C CYS B 81 -29.28 -1.18 -6.72
N VAL B 82 -28.68 -0.40 -7.62
CA VAL B 82 -28.54 -0.74 -9.01
C VAL B 82 -27.13 -1.24 -9.26
N THR B 83 -27.04 -2.40 -9.93
CA THR B 83 -25.77 -2.97 -10.34
C THR B 83 -25.84 -3.24 -11.84
N GLY B 84 -24.72 -3.65 -12.45
CA GLY B 84 -24.68 -3.86 -13.88
C GLY B 84 -23.30 -3.94 -14.48
N MSE B 85 -23.24 -4.27 -15.75
CA MSE B 85 -21.96 -4.48 -16.41
C MSE B 85 -21.09 -3.23 -16.31
O MSE B 85 -21.59 -2.11 -16.29
CB MSE B 85 -22.17 -4.93 -17.87
CG MSE B 85 -22.20 -3.80 -18.90
SE MSE B 85 -23.87 -2.69 -18.94
CE MSE B 85 -25.13 -3.99 -19.72
N LEU B 86 -19.77 -3.41 -16.26
CA LEU B 86 -18.88 -2.27 -16.25
C LEU B 86 -17.59 -2.61 -16.97
N PRO B 87 -16.84 -1.61 -17.45
CA PRO B 87 -17.18 -0.20 -17.61
C PRO B 87 -17.85 0.01 -18.99
N ALA B 88 -19.13 0.32 -18.97
CA ALA B 88 -19.78 0.79 -20.17
C ALA B 88 -19.39 2.27 -20.28
N VAL B 89 -19.41 2.79 -21.50
CA VAL B 89 -19.22 4.21 -21.75
C VAL B 89 -20.52 4.84 -22.28
N VAL B 90 -21.06 5.73 -21.46
CA VAL B 90 -22.25 6.47 -21.75
C VAL B 90 -21.85 7.95 -21.73
N LEU B 91 -22.27 8.69 -22.74
CA LEU B 91 -21.81 10.07 -22.88
C LEU B 91 -23.04 10.98 -22.84
N LEU B 92 -23.08 11.95 -21.93
CA LEU B 92 -24.18 12.89 -21.90
C LEU B 92 -23.69 14.28 -22.23
N ASP B 93 -24.49 15.02 -22.97
CA ASP B 93 -24.26 16.44 -23.21
C ASP B 93 -24.80 17.39 -22.12
N ASP B 94 -24.66 18.67 -22.41
CA ASP B 94 -25.26 19.80 -21.68
C ASP B 94 -26.52 19.49 -20.92
N ARG B 95 -27.54 18.99 -21.62
CA ARG B 95 -28.86 18.82 -21.02
C ARG B 95 -29.07 17.37 -20.58
N GLY B 96 -27.99 16.60 -20.51
CA GLY B 96 -28.09 15.24 -20.02
C GLY B 96 -28.66 14.26 -21.02
N ALA B 97 -28.54 14.55 -22.30
CA ALA B 97 -29.03 13.64 -23.31
C ALA B 97 -27.88 12.75 -23.73
N VAL B 98 -28.22 11.59 -24.26
CA VAL B 98 -27.24 10.61 -24.62
C VAL B 98 -26.75 10.94 -26.03
N LEU B 99 -25.44 11.06 -26.19
CA LEU B 99 -24.88 11.48 -27.45
C LEU B 99 -24.88 10.32 -28.42
N ARG B 100 -24.44 9.14 -27.99
CA ARG B 100 -24.34 8.02 -28.92
C ARG B 100 -24.76 6.74 -28.22
N PRO B 101 -24.79 5.61 -28.93
CA PRO B 101 -25.07 4.40 -28.14
C PRO B 101 -23.96 4.07 -27.12
N SER B 102 -24.36 3.48 -25.98
CA SER B 102 -23.37 3.01 -25.02
C SER B 102 -22.39 2.04 -25.66
N ILE B 103 -21.11 2.22 -25.36
CA ILE B 103 -20.07 1.26 -25.79
C ILE B 103 -19.80 0.34 -24.61
N GLN B 104 -20.00 -0.96 -24.81
CA GLN B 104 -19.92 -2.00 -23.78
C GLN B 104 -18.45 -2.41 -23.49
N GLN B 105 -18.19 -3.11 -22.39
CA GLN B 105 -16.81 -3.60 -22.16
C GLN B 105 -16.36 -4.74 -23.09
N SER B 106 -17.28 -5.49 -23.68
CA SER B 106 -16.84 -6.52 -24.62
C SER B 106 -16.28 -5.93 -25.90
N ASP B 107 -16.57 -4.66 -26.16
CA ASP B 107 -16.28 -4.00 -27.45
C ASP B 107 -14.78 -4.16 -27.80
N GLY B 108 -14.43 -4.18 -29.08
CA GLY B 108 -13.05 -4.33 -29.51
C GLY B 108 -12.51 -3.26 -30.48
N ARG B 109 -13.21 -2.14 -30.63
CA ARG B 109 -12.82 -1.21 -31.65
C ARG B 109 -11.55 -0.38 -31.37
N CYS B 110 -11.08 -0.30 -30.13
CA CYS B 110 -10.04 0.69 -29.86
C CYS B 110 -8.63 0.13 -29.67
N GLY B 111 -8.29 -0.88 -30.45
CA GLY B 111 -6.93 -1.39 -30.48
C GLY B 111 -5.88 -0.30 -30.66
N ASP B 112 -6.02 0.55 -31.68
CA ASP B 112 -5.04 1.59 -31.96
C ASP B 112 -4.81 2.55 -30.80
N GLU B 113 -5.89 2.97 -30.15
CA GLU B 113 -5.70 3.90 -29.04
C GLU B 113 -5.03 3.23 -27.82
N VAL B 114 -5.19 1.94 -27.65
CA VAL B 114 -4.42 1.25 -26.65
C VAL B 114 -2.92 1.36 -26.95
N ALA B 115 -2.52 0.95 -28.15
CA ALA B 115 -1.13 1.17 -28.56
C ALA B 115 -0.62 2.62 -28.33
N GLU B 116 -1.43 3.62 -28.70
CA GLU B 116 -1.09 5.02 -28.47
C GLU B 116 -0.80 5.26 -27.01
N LEU B 117 -1.80 4.94 -26.20
CA LEU B 117 -1.75 4.92 -24.75
C LEU B 117 -0.52 4.19 -24.21
N ARG B 118 -0.29 2.95 -24.66
CA ARG B 118 0.88 2.18 -24.21
C ARG B 118 2.21 2.89 -24.58
N ALA B 119 2.33 3.37 -25.82
CA ALA B 119 3.51 4.14 -26.18
C ALA B 119 3.61 5.48 -25.44
N GLU B 120 2.48 5.99 -24.95
CA GLU B 120 2.47 7.33 -24.41
C GLU B 120 2.69 7.41 -22.89
N VAL B 121 2.08 6.50 -22.11
CA VAL B 121 2.32 6.45 -20.66
C VAL B 121 3.13 5.24 -20.28
N ASP B 122 3.58 5.18 -19.04
CA ASP B 122 4.33 4.01 -18.62
C ASP B 122 3.29 3.01 -18.20
N SER B 123 3.21 1.91 -18.92
CA SER B 123 2.10 0.99 -18.77
C SER B 123 2.14 0.28 -17.42
N GLU B 124 3.35 0.06 -16.90
CA GLU B 124 3.50 -0.56 -15.59
C GLU B 124 3.19 0.45 -14.52
N ALA B 125 3.84 1.60 -14.55
CA ALA B 125 3.53 2.62 -13.56
C ALA B 125 2.02 2.85 -13.45
N PHE B 126 1.30 2.62 -14.56
CA PHE B 126 -0.12 2.94 -14.67
C PHE B 126 -0.89 1.85 -13.96
N LEU B 127 -0.58 0.59 -14.27
CA LEU B 127 -1.17 -0.55 -13.59
C LEU B 127 -0.96 -0.45 -12.07
N ALA B 128 0.21 0.03 -11.66
CA ALA B 128 0.51 0.21 -10.26
C ALA B 128 -0.36 1.28 -9.67
N ARG B 129 -0.34 2.42 -10.31
CA ARG B 129 -1.15 3.53 -9.88
C ARG B 129 -2.62 3.15 -9.78
N THR B 130 -3.06 2.43 -10.79
CA THR B 130 -4.48 2.28 -11.10
C THR B 130 -5.08 0.94 -10.69
N GLY B 131 -4.24 -0.06 -10.53
CA GLY B 131 -4.70 -1.42 -10.33
C GLY B 131 -5.20 -2.11 -11.58
N ASN B 132 -5.27 -1.38 -12.68
CA ASN B 132 -5.81 -1.96 -13.89
C ASN B 132 -4.91 -1.69 -15.07
N GLY B 133 -4.82 -2.63 -15.99
CA GLY B 133 -4.04 -2.42 -17.19
C GLY B 133 -4.50 -1.35 -18.18
N VAL B 134 -3.53 -0.92 -18.96
CA VAL B 134 -3.79 -0.17 -20.16
C VAL B 134 -4.30 -1.14 -21.23
N THR B 135 -5.61 -1.20 -21.39
CA THR B 135 -6.29 -2.15 -22.28
C THR B 135 -7.52 -1.41 -22.85
N GLN B 136 -8.15 -2.04 -23.84
CA GLN B 136 -9.35 -1.49 -24.47
C GLN B 136 -10.47 -1.22 -23.46
N GLN B 137 -10.43 -1.88 -22.32
CA GLN B 137 -11.51 -1.83 -21.37
C GLN B 137 -11.47 -0.51 -20.62
N LEU B 138 -10.33 0.18 -20.68
CA LEU B 138 -10.25 1.53 -20.08
C LEU B 138 -11.23 2.50 -20.74
N VAL B 139 -11.87 3.30 -19.92
CA VAL B 139 -12.78 4.28 -20.45
C VAL B 139 -11.95 5.26 -21.26
N THR B 140 -10.76 5.57 -20.76
CA THR B 140 -9.76 6.36 -21.47
C THR B 140 -9.54 5.90 -22.90
N ALA B 141 -9.38 4.59 -23.14
CA ALA B 141 -9.21 4.06 -24.49
C ALA B 141 -10.40 4.35 -25.37
N LYS B 142 -11.59 4.09 -24.82
CA LYS B 142 -12.83 4.28 -25.57
C LYS B 142 -13.03 5.73 -25.91
N LEU B 143 -12.70 6.63 -24.98
CA LEU B 143 -12.79 8.07 -25.20
C LEU B 143 -11.87 8.54 -26.32
N ARG B 144 -10.62 8.08 -26.31
CA ARG B 144 -9.72 8.52 -27.33
C ARG B 144 -10.10 8.01 -28.71
N TRP B 145 -10.76 6.87 -28.76
CA TRP B 145 -11.33 6.43 -30.02
C TRP B 145 -12.41 7.44 -30.52
N ILE B 146 -13.26 7.91 -29.61
CA ILE B 146 -14.35 8.79 -29.97
C ILE B 146 -13.81 10.17 -30.38
N GLU B 147 -12.71 10.59 -29.76
CA GLU B 147 -12.14 11.86 -30.15
C GLU B 147 -11.61 11.75 -31.61
N ARG B 148 -10.94 10.68 -31.94
CA ARG B 148 -10.49 10.56 -33.30
C ARG B 148 -11.64 10.32 -34.30
N HIS B 149 -12.59 9.44 -33.98
CA HIS B 149 -13.56 8.98 -34.96
C HIS B 149 -14.90 9.72 -34.93
N GLU B 150 -15.22 10.37 -33.81
CA GLU B 150 -16.48 11.13 -33.69
C GLU B 150 -16.27 12.42 -32.91
N PRO B 151 -15.37 13.29 -33.38
CA PRO B 151 -15.02 14.53 -32.66
C PRO B 151 -16.23 15.36 -32.29
N ALA B 152 -17.26 15.34 -33.13
CA ALA B 152 -18.46 16.13 -32.90
C ALA B 152 -19.10 15.71 -31.59
N VAL B 153 -19.27 14.40 -31.46
CA VAL B 153 -19.74 13.82 -30.22
C VAL B 153 -18.82 14.12 -29.02
N PHE B 154 -17.53 13.90 -29.20
CA PHE B 154 -16.53 14.13 -28.19
C PHE B 154 -16.61 15.56 -27.67
N GLY B 155 -16.75 16.53 -28.58
CA GLY B 155 -16.85 17.93 -28.18
C GLY B 155 -18.08 18.29 -27.37
N ALA B 156 -19.17 17.54 -27.59
CA ALA B 156 -20.41 17.77 -26.87
C ALA B 156 -20.49 17.04 -25.50
N ILE B 157 -19.42 16.34 -25.11
CA ILE B 157 -19.44 15.56 -23.87
C ILE B 157 -19.41 16.41 -22.63
N ALA B 158 -20.46 16.30 -21.82
CA ALA B 158 -20.54 17.02 -20.56
C ALA B 158 -20.40 16.04 -19.38
N THR B 159 -20.75 14.78 -19.62
CA THR B 159 -20.68 13.79 -18.57
C THR B 159 -20.37 12.46 -19.21
N VAL B 160 -19.39 11.77 -18.64
CA VAL B 160 -19.16 10.39 -18.98
C VAL B 160 -19.36 9.53 -17.74
N CYS B 161 -20.04 8.39 -17.92
CA CYS B 161 -20.40 7.47 -16.87
C CYS B 161 -20.74 6.09 -17.38
N GLY B 162 -21.01 5.20 -16.43
CA GLY B 162 -21.30 3.81 -16.67
C GLY B 162 -22.80 3.58 -16.74
N SER B 163 -23.17 2.31 -16.86
CA SER B 163 -24.52 1.98 -17.23
C SER B 163 -25.44 2.14 -16.03
N TYR B 164 -25.13 1.45 -14.94
CA TYR B 164 -25.91 1.62 -13.72
C TYR B 164 -25.70 3.02 -13.10
N ASP B 165 -24.56 3.67 -13.33
CA ASP B 165 -24.42 5.07 -12.93
C ASP B 165 -25.52 5.93 -13.60
N TYR B 166 -25.75 5.69 -14.90
CA TYR B 166 -26.77 6.41 -15.65
C TYR B 166 -28.20 6.20 -15.06
N ILE B 167 -28.56 4.95 -14.78
CA ILE B 167 -29.87 4.66 -14.18
C ILE B 167 -29.98 5.33 -12.83
N ASN B 168 -28.90 5.35 -12.08
CA ASN B 168 -28.92 6.02 -10.79
C ASN B 168 -29.20 7.50 -10.89
N MSE B 169 -28.59 8.10 -11.92
CA MSE B 169 -28.87 9.48 -12.24
C MSE B 169 -30.35 9.70 -12.55
O MSE B 169 -30.96 10.59 -12.00
CB MSE B 169 -28.03 9.93 -13.40
CG MSE B 169 -26.60 10.23 -13.00
SE MSE B 169 -25.58 10.60 -14.65
CE MSE B 169 -23.73 10.23 -14.05
N LEU B 170 -30.92 8.85 -13.40
CA LEU B 170 -32.33 8.93 -13.73
C LEU B 170 -33.23 8.76 -12.53
N LEU B 171 -32.77 7.99 -11.52
CA LEU B 171 -33.59 7.73 -10.32
C LEU B 171 -33.49 8.83 -9.24
N THR B 172 -32.27 9.32 -8.99
CA THR B 172 -32.02 10.17 -7.83
C THR B 172 -31.87 11.64 -8.15
N GLY B 173 -31.60 11.96 -9.42
CA GLY B 173 -31.20 13.30 -9.83
C GLY B 173 -29.77 13.66 -9.40
N GLU B 174 -29.02 12.68 -8.90
CA GLU B 174 -27.66 12.95 -8.49
C GLU B 174 -26.67 12.67 -9.62
N ARG B 175 -25.52 13.31 -9.59
CA ARG B 175 -24.51 13.05 -10.59
C ARG B 175 -23.21 12.55 -9.97
N VAL B 176 -23.11 11.23 -9.79
CA VAL B 176 -21.89 10.60 -9.32
C VAL B 176 -21.66 9.37 -10.18
N VAL B 177 -20.47 8.82 -10.14
CA VAL B 177 -20.29 7.52 -10.73
C VAL B 177 -19.75 6.69 -9.59
N ASP B 178 -19.92 5.39 -9.69
CA ASP B 178 -19.35 4.41 -8.78
C ASP B 178 -17.81 4.43 -8.78
N ARG B 179 -17.16 4.31 -7.62
CA ARG B 179 -15.68 4.28 -7.62
C ARG B 179 -15.16 3.16 -8.51
N ASN B 180 -15.91 2.07 -8.54
CA ASN B 180 -15.42 0.92 -9.29
C ASN B 180 -15.40 1.20 -10.76
N TRP B 181 -16.47 1.86 -11.25
CA TRP B 181 -16.53 2.29 -12.64
C TRP B 181 -15.32 3.16 -12.95
N ALA B 182 -15.18 4.24 -12.19
CA ALA B 182 -14.02 5.10 -12.34
C ALA B 182 -12.72 4.31 -12.22
N LEU B 183 -12.68 3.31 -11.34
CA LEU B 183 -11.41 2.62 -11.08
C LEU B 183 -11.00 1.77 -12.28
N GLU B 184 -11.90 0.88 -12.73
CA GLU B 184 -11.61 0.05 -13.91
C GLU B 184 -11.52 0.94 -15.14
N GLY B 185 -12.19 2.09 -15.09
CA GLY B 185 -12.16 2.99 -16.25
C GLY B 185 -10.83 3.70 -16.45
N GLY B 186 -10.02 3.83 -15.41
CA GLY B 186 -8.73 4.47 -15.58
C GLY B 186 -8.63 5.82 -14.90
N PHE B 187 -9.62 6.20 -14.11
CA PHE B 187 -9.60 7.56 -13.60
C PHE B 187 -9.14 7.71 -12.15
N ILE B 188 -9.12 6.60 -11.42
CA ILE B 188 -8.80 6.63 -9.99
C ILE B 188 -7.39 6.15 -9.66
N ASP B 189 -6.70 6.99 -8.89
CA ASP B 189 -5.45 6.62 -8.28
C ASP B 189 -5.71 5.83 -7.00
N LEU B 190 -5.16 4.63 -6.96
CA LEU B 190 -5.41 3.71 -5.85
C LEU B 190 -4.98 4.28 -4.50
N ALA B 191 -3.90 5.08 -4.51
CA ALA B 191 -3.38 5.67 -3.28
C ALA B 191 -4.31 6.73 -2.63
N SER B 192 -5.03 7.47 -3.45
CA SER B 192 -5.85 8.54 -2.90
C SER B 192 -7.30 8.11 -2.76
N GLY B 193 -7.67 7.04 -3.48
CA GLY B 193 -9.05 6.65 -3.65
C GLY B 193 -9.93 7.68 -4.36
N THR B 194 -9.33 8.59 -5.11
CA THR B 194 -10.13 9.58 -5.81
C THR B 194 -9.78 9.77 -7.29
N VAL B 195 -10.70 10.41 -8.02
CA VAL B 195 -10.52 10.71 -9.42
C VAL B 195 -9.37 11.68 -9.51
N GLU B 196 -8.33 11.37 -10.28
CA GLU B 196 -7.20 12.28 -10.35
C GLU B 196 -7.17 12.99 -11.67
N ALA B 197 -6.85 14.28 -11.63
CA ALA B 197 -6.95 15.12 -12.81
C ALA B 197 -6.02 14.72 -13.94
N ASP B 198 -4.75 14.43 -13.64
CA ASP B 198 -3.91 13.93 -14.72
C ASP B 198 -4.49 12.67 -15.41
N LEU B 199 -5.09 11.74 -14.68
CA LEU B 199 -5.63 10.54 -15.33
C LEU B 199 -6.86 10.88 -16.15
N VAL B 200 -7.63 11.87 -15.71
CA VAL B 200 -8.75 12.29 -16.56
C VAL B 200 -8.17 12.90 -17.82
N ALA B 201 -7.28 13.87 -17.62
CA ALA B 201 -6.51 14.45 -18.70
C ALA B 201 -6.06 13.44 -19.77
N LEU B 202 -5.53 12.30 -19.38
CA LEU B 202 -5.16 11.33 -20.40
C LEU B 202 -6.25 11.08 -21.44
N ALA B 203 -7.50 11.14 -21.02
CA ALA B 203 -8.58 10.81 -21.93
C ALA B 203 -8.96 12.05 -22.75
N HIS B 204 -8.29 13.18 -22.48
CA HIS B 204 -8.51 14.39 -23.26
C HIS B 204 -9.91 14.98 -23.06
N ILE B 205 -10.52 14.70 -21.92
CA ILE B 205 -11.70 15.41 -21.50
C ILE B 205 -11.37 16.28 -20.30
N PRO B 206 -12.22 17.28 -20.03
CA PRO B 206 -12.03 18.02 -18.77
C PRO B 206 -12.38 17.16 -17.59
N PRO B 207 -11.70 17.41 -16.46
CA PRO B 207 -12.06 16.72 -15.22
C PRO B 207 -13.54 16.91 -14.89
N SER B 208 -14.14 18.04 -15.21
CA SER B 208 -15.53 18.24 -14.83
C SER B 208 -16.38 17.19 -15.53
N ALA B 209 -15.88 16.63 -16.63
CA ALA B 209 -16.64 15.61 -17.36
C ALA B 209 -16.80 14.28 -16.60
N VAL B 210 -15.86 13.94 -15.73
CA VAL B 210 -16.04 12.75 -14.90
C VAL B 210 -16.65 13.15 -13.54
N PRO B 211 -17.87 12.65 -13.24
CA PRO B 211 -18.52 12.96 -11.94
C PRO B 211 -17.76 12.42 -10.73
N PRO B 212 -17.89 13.07 -9.57
CA PRO B 212 -17.23 12.57 -8.37
C PRO B 212 -17.58 11.09 -8.12
N ALA B 213 -16.62 10.32 -7.65
CA ALA B 213 -16.82 8.91 -7.36
C ALA B 213 -17.58 8.66 -5.99
N HIS B 214 -18.27 7.52 -5.88
CA HIS B 214 -19.12 7.25 -4.72
C HIS B 214 -19.00 5.80 -4.36
N PRO B 215 -18.89 5.52 -3.06
CA PRO B 215 -18.73 4.14 -2.63
C PRO B 215 -20.07 3.45 -2.59
N THR B 216 -20.15 2.22 -3.11
CA THR B 216 -21.40 1.46 -3.21
C THR B 216 -22.24 1.42 -1.88
N HIS B 217 -21.58 1.13 -0.79
CA HIS B 217 -22.33 0.90 0.45
C HIS B 217 -22.99 2.15 1.00
N ARG B 218 -22.56 3.35 0.61
CA ARG B 218 -23.22 4.57 1.11
C ARG B 218 -24.48 4.93 0.36
N VAL B 219 -25.33 5.71 1.02
CA VAL B 219 -26.56 6.16 0.44
C VAL B 219 -26.20 7.17 -0.61
N LEU B 220 -26.80 7.05 -1.79
CA LEU B 220 -26.48 7.90 -2.93
C LEU B 220 -27.43 9.08 -2.96
N GLY B 221 -28.73 8.78 -2.80
CA GLY B 221 -29.79 9.75 -2.89
C GLY B 221 -31.14 9.11 -2.58
N ALA B 222 -32.23 9.65 -3.16
CA ALA B 222 -33.57 9.09 -2.97
C ALA B 222 -34.35 9.16 -4.26
N VAL B 223 -35.31 8.27 -4.46
CA VAL B 223 -36.06 8.29 -5.71
C VAL B 223 -36.81 9.61 -5.80
N THR B 224 -36.58 10.38 -6.89
CA THR B 224 -37.27 11.65 -7.10
C THR B 224 -38.73 11.35 -7.39
N ALA B 225 -39.51 12.41 -7.58
CA ALA B 225 -40.95 12.29 -7.85
C ALA B 225 -41.17 11.86 -9.29
N GLU B 226 -40.46 12.49 -10.25
CA GLU B 226 -40.45 12.07 -11.63
C GLU B 226 -40.11 10.58 -11.69
N ALA B 227 -39.06 10.17 -10.96
CA ALA B 227 -38.61 8.79 -11.05
C ALA B 227 -39.64 7.89 -10.40
N ALA B 228 -40.22 8.34 -9.30
CA ALA B 228 -41.32 7.61 -8.69
C ALA B 228 -42.47 7.41 -9.66
N ALA B 229 -42.83 8.47 -10.36
CA ALA B 229 -43.90 8.40 -11.35
C ALA B 229 -43.63 7.37 -12.49
N LEU B 230 -42.41 7.31 -13.00
CA LEU B 230 -42.12 6.37 -14.10
C LEU B 230 -41.88 4.88 -13.66
N THR B 231 -41.40 4.68 -12.44
CA THR B 231 -40.98 3.37 -12.01
C THR B 231 -41.99 2.66 -11.13
N GLY B 232 -42.82 3.42 -10.44
CA GLY B 232 -43.71 2.83 -9.44
C GLY B 232 -43.05 2.84 -8.10
N LEU B 233 -41.74 3.09 -8.06
CA LEU B 233 -41.04 3.13 -6.76
C LEU B 233 -41.67 4.25 -5.92
N PRO B 234 -41.66 4.11 -4.57
CA PRO B 234 -42.13 5.18 -3.68
C PRO B 234 -41.22 6.38 -3.72
N THR B 235 -41.79 7.56 -3.88
CA THR B 235 -41.04 8.79 -3.70
C THR B 235 -40.14 8.74 -2.48
N GLY B 236 -38.92 9.23 -2.62
CA GLY B 236 -38.04 9.24 -1.46
C GLY B 236 -37.37 7.93 -1.08
N LEU B 237 -37.65 6.83 -1.78
CA LEU B 237 -36.97 5.57 -1.50
C LEU B 237 -35.48 5.77 -1.52
N PRO B 238 -34.79 5.43 -0.44
CA PRO B 238 -33.32 5.57 -0.45
C PRO B 238 -32.69 4.75 -1.57
N VAL B 239 -31.67 5.31 -2.23
CA VAL B 239 -30.94 4.60 -3.26
C VAL B 239 -29.46 4.53 -2.91
N TYR B 240 -28.88 3.34 -2.85
CA TYR B 240 -27.47 3.20 -2.48
C TYR B 240 -26.53 3.40 -3.66
N GLY B 241 -25.24 3.39 -3.40
CA GLY B 241 -24.29 3.65 -4.47
C GLY B 241 -24.44 2.54 -5.48
N GLY B 242 -24.18 2.82 -6.74
CA GLY B 242 -24.14 1.75 -7.72
C GLY B 242 -23.02 0.76 -7.38
N ALA B 243 -23.26 -0.49 -7.76
CA ALA B 243 -22.43 -1.66 -7.47
C ALA B 243 -22.05 -2.35 -8.77
N ALA B 244 -20.79 -2.74 -8.85
CA ALA B 244 -20.24 -3.43 -9.97
C ALA B 244 -20.77 -4.85 -10.01
N ASP B 245 -21.25 -5.34 -11.13
CA ASP B 245 -21.94 -6.64 -11.16
C ASP B 245 -21.18 -7.83 -10.65
N HIS B 246 -19.96 -8.01 -11.10
CA HIS B 246 -19.16 -9.12 -10.67
C HIS B 246 -18.80 -9.07 -9.23
N ILE B 247 -18.63 -7.89 -8.67
CA ILE B 247 -18.34 -7.78 -7.28
C ILE B 247 -19.58 -8.09 -6.45
N ALA B 248 -20.74 -7.58 -6.85
CA ALA B 248 -22.01 -7.86 -6.21
C ALA B 248 -22.31 -9.37 -6.28
N SER B 249 -22.05 -9.98 -7.43
CA SER B 249 -22.23 -11.40 -7.53
C SER B 249 -21.28 -12.15 -6.57
N ALA B 250 -20.07 -11.64 -6.36
CA ALA B 250 -19.16 -12.29 -5.39
C ALA B 250 -19.73 -12.18 -3.97
N LEU B 251 -20.30 -11.03 -3.63
CA LEU B 251 -20.84 -10.80 -2.31
C LEU B 251 -22.03 -11.74 -2.11
N ALA B 252 -22.86 -11.84 -3.12
CA ALA B 252 -24.00 -12.72 -3.00
C ALA B 252 -23.49 -14.11 -2.67
N ALA B 253 -22.31 -14.43 -3.15
CA ALA B 253 -21.81 -15.79 -3.02
C ALA B 253 -21.06 -16.02 -1.72
N GLY B 254 -21.05 -15.02 -0.83
CA GLY B 254 -20.50 -15.18 0.48
C GLY B 254 -19.05 -14.72 0.62
N ILE B 255 -18.41 -14.37 -0.50
CA ILE B 255 -17.02 -13.93 -0.48
C ILE B 255 -16.91 -12.61 0.27
N THR B 256 -16.80 -12.63 1.61
CA THR B 256 -16.85 -11.38 2.35
C THR B 256 -15.69 -11.19 3.29
N ARG B 257 -14.81 -12.18 3.35
CA ARG B 257 -13.68 -12.11 4.30
C ARG B 257 -12.35 -12.17 3.56
N PRO B 258 -11.39 -11.38 4.03
CA PRO B 258 -10.02 -11.51 3.49
C PRO B 258 -9.66 -12.97 3.36
N GLY B 259 -9.19 -13.37 2.18
CA GLY B 259 -8.78 -14.73 1.92
C GLY B 259 -9.85 -15.54 1.23
N ASP B 260 -11.10 -15.04 1.24
CA ASP B 260 -12.22 -15.71 0.52
C ASP B 260 -12.03 -15.64 -1.01
N VAL B 261 -12.30 -16.74 -1.69
CA VAL B 261 -12.02 -16.84 -3.12
C VAL B 261 -13.16 -17.48 -3.88
N LEU B 262 -13.59 -16.85 -4.95
CA LEU B 262 -14.64 -17.46 -5.75
C LEU B 262 -14.04 -17.95 -7.07
N LEU B 263 -14.24 -19.23 -7.38
CA LEU B 263 -13.86 -19.79 -8.66
C LEU B 263 -15.16 -19.98 -9.44
N LYS B 264 -15.36 -19.19 -10.48
CA LYS B 264 -16.58 -19.25 -11.24
C LYS B 264 -16.31 -20.02 -12.52
N PHE B 265 -17.01 -21.15 -12.67
CA PHE B 265 -16.85 -22.01 -13.83
C PHE B 265 -17.96 -21.75 -14.84
N GLY B 266 -17.92 -20.55 -15.44
CA GLY B 266 -18.83 -20.14 -16.49
C GLY B 266 -18.11 -20.36 -17.82
N GLY B 267 -18.71 -19.91 -18.90
CA GLY B 267 -18.08 -20.01 -20.19
C GLY B 267 -16.63 -19.56 -20.14
N ALA B 268 -16.38 -18.38 -19.57
CA ALA B 268 -15.01 -17.84 -19.51
C ALA B 268 -14.26 -18.30 -18.27
N GLY B 269 -14.84 -18.16 -17.09
CA GLY B 269 -14.09 -18.52 -15.89
C GLY B 269 -13.43 -17.32 -15.22
N ASP B 270 -13.82 -17.05 -13.99
CA ASP B 270 -13.32 -15.91 -13.26
C ASP B 270 -12.88 -16.35 -11.91
N ILE B 271 -12.04 -15.54 -11.30
CA ILE B 271 -11.58 -15.79 -9.96
C ILE B 271 -11.61 -14.43 -9.30
N ILE B 272 -12.29 -14.35 -8.17
CA ILE B 272 -12.39 -13.10 -7.44
C ILE B 272 -12.04 -13.45 -6.01
N VAL B 273 -11.41 -12.54 -5.30
CA VAL B 273 -10.85 -12.81 -4.00
C VAL B 273 -11.15 -11.63 -3.10
N ALA B 274 -11.58 -11.82 -1.87
CA ALA B 274 -11.66 -10.64 -1.03
C ALA B 274 -10.29 -10.44 -0.35
N SER B 275 -9.82 -9.19 -0.23
CA SER B 275 -8.49 -8.93 0.31
C SER B 275 -8.43 -7.58 0.97
N ALA B 276 -7.52 -7.39 1.91
CA ALA B 276 -7.48 -6.13 2.64
C ALA B 276 -6.41 -5.28 2.04
N THR B 277 -5.66 -5.88 1.13
CA THR B 277 -4.53 -5.19 0.52
C THR B 277 -4.81 -4.94 -0.94
N ALA B 278 -4.34 -3.81 -1.43
CA ALA B 278 -4.51 -3.54 -2.84
C ALA B 278 -3.13 -3.70 -3.42
N LYS B 279 -2.99 -4.63 -4.36
CA LYS B 279 -1.77 -4.73 -5.15
C LYS B 279 -2.14 -5.32 -6.48
N SER B 280 -1.43 -4.91 -7.55
CA SER B 280 -1.97 -5.03 -8.90
C SER B 280 -1.35 -6.12 -9.80
N ARG B 283 -1.34 -8.87 -14.07
CA ARG B 283 -1.92 -10.24 -14.08
C ARG B 283 -3.36 -10.37 -13.72
N LEU B 284 -3.79 -9.55 -12.78
CA LEU B 284 -5.07 -9.63 -12.16
C LEU B 284 -5.43 -8.20 -12.02
N TYR B 285 -6.67 -7.84 -12.16
CA TYR B 285 -6.97 -6.46 -11.93
C TYR B 285 -7.67 -6.23 -10.60
N LEU B 286 -7.97 -5.00 -10.30
CA LEU B 286 -8.44 -4.60 -9.01
C LEU B 286 -9.78 -3.84 -9.03
N ASP B 287 -10.62 -4.12 -8.05
CA ASP B 287 -11.85 -3.36 -7.84
C ASP B 287 -11.89 -3.20 -6.34
N TYR B 288 -12.67 -2.25 -5.85
CA TYR B 288 -12.97 -2.20 -4.43
C TYR B 288 -14.01 -3.25 -4.17
N HIS B 289 -13.98 -3.82 -2.97
CA HIS B 289 -15.06 -4.66 -2.55
C HIS B 289 -16.28 -3.82 -2.25
N LEU B 290 -17.43 -4.44 -2.29
CA LEU B 290 -18.63 -3.77 -1.81
C LEU B 290 -18.50 -3.64 -0.32
N VAL B 291 -17.86 -4.64 0.30
CA VAL B 291 -17.63 -4.59 1.76
C VAL B 291 -16.65 -3.47 2.14
N PRO B 292 -17.10 -2.56 2.99
CA PRO B 292 -16.23 -1.41 3.31
C PRO B 292 -14.83 -1.86 3.77
N GLY B 293 -13.82 -1.24 3.18
CA GLY B 293 -12.45 -1.41 3.59
C GLY B 293 -11.76 -2.49 2.86
N LEU B 294 -12.51 -3.30 2.14
CA LEU B 294 -11.90 -4.42 1.43
C LEU B 294 -11.69 -4.21 -0.07
N TYR B 295 -10.66 -4.84 -0.60
CA TYR B 295 -10.43 -4.88 -2.03
C TYR B 295 -10.88 -6.20 -2.63
N ALA B 296 -11.01 -6.25 -3.94
CA ALA B 296 -11.47 -7.43 -4.65
C ALA B 296 -10.62 -7.60 -5.90
N PRO B 297 -9.35 -7.98 -5.72
CA PRO B 297 -8.51 -8.33 -6.87
C PRO B 297 -9.23 -9.40 -7.68
N ASN B 298 -9.12 -9.31 -9.01
CA ASN B 298 -9.73 -10.35 -9.83
C ASN B 298 -9.07 -10.60 -11.17
N GLY B 299 -9.51 -11.67 -11.82
CA GLY B 299 -9.00 -12.07 -13.12
C GLY B 299 -9.92 -13.04 -13.83
N CYS B 300 -9.60 -13.30 -15.07
CA CYS B 300 -10.52 -13.94 -15.96
C CYS B 300 -9.72 -14.87 -16.84
N MSE B 301 -10.32 -16.01 -17.16
CA MSE B 301 -9.70 -17.05 -17.98
C MSE B 301 -10.35 -17.14 -19.35
O MSE B 301 -11.52 -17.47 -19.44
CB MSE B 301 -9.92 -18.37 -17.29
CG MSE B 301 -8.69 -19.21 -17.24
SE MSE B 301 -8.47 -19.68 -15.38
CE MSE B 301 -8.39 -17.90 -14.57
N ALA B 302 -9.60 -16.88 -20.41
CA ALA B 302 -10.20 -16.84 -21.75
C ALA B 302 -11.20 -17.99 -22.01
N ALA B 303 -10.74 -19.24 -21.88
CA ALA B 303 -11.59 -20.38 -22.25
C ALA B 303 -11.75 -21.37 -21.08
N THR B 304 -12.97 -21.61 -20.64
CA THR B 304 -13.21 -22.36 -19.40
C THR B 304 -14.59 -22.93 -19.37
N GLY B 305 -14.86 -24.01 -20.06
CA GLY B 305 -16.27 -24.32 -20.17
C GLY B 305 -16.68 -24.07 -21.61
N SER B 306 -16.25 -22.96 -22.19
CA SER B 306 -16.31 -22.80 -23.63
C SER B 306 -15.25 -23.73 -24.25
N ALA B 307 -14.09 -23.82 -23.61
CA ALA B 307 -13.11 -24.79 -24.07
C ALA B 307 -13.67 -26.19 -23.94
N LEU B 308 -14.46 -26.42 -22.89
CA LEU B 308 -15.10 -27.71 -22.67
C LEU B 308 -16.19 -28.04 -23.66
N ASN B 309 -17.02 -27.07 -23.97
CA ASN B 309 -18.01 -27.27 -25.01
C ASN B 309 -17.31 -27.66 -26.31
N TRP B 310 -16.29 -26.88 -26.67
CA TRP B 310 -15.57 -27.15 -27.89
C TRP B 310 -15.10 -28.60 -27.88
N LEU B 311 -14.35 -29.03 -26.88
CA LEU B 311 -13.89 -30.42 -26.89
C LEU B 311 -15.04 -31.44 -26.78
N ALA B 312 -16.14 -31.07 -26.14
CA ALA B 312 -17.27 -31.99 -26.01
C ALA B 312 -17.81 -32.35 -27.37
N LYS B 313 -18.02 -31.34 -28.22
CA LYS B 313 -18.50 -31.56 -29.57
C LYS B 313 -17.52 -32.44 -30.33
N LEU B 314 -16.22 -32.23 -30.11
CA LEU B 314 -15.22 -33.01 -30.84
C LEU B 314 -15.30 -34.50 -30.52
N LEU B 315 -15.41 -34.82 -29.24
CA LEU B 315 -15.32 -36.19 -28.77
C LEU B 315 -16.65 -36.92 -28.55
N ALA B 316 -17.76 -36.19 -28.63
CA ALA B 316 -19.08 -36.78 -28.47
C ALA B 316 -20.06 -36.06 -29.40
N PRO B 317 -19.73 -36.03 -30.67
CA PRO B 317 -20.45 -35.22 -31.63
C PRO B 317 -21.94 -35.46 -31.72
N GLU B 318 -22.39 -36.69 -31.65
CA GLU B 318 -23.81 -36.98 -31.70
C GLU B 318 -24.41 -37.28 -30.35
N ALA B 319 -24.13 -36.47 -29.35
CA ALA B 319 -24.57 -36.77 -28.00
C ALA B 319 -25.25 -35.58 -27.38
N GLY B 320 -25.09 -34.43 -27.99
CA GLY B 320 -25.79 -33.22 -27.60
C GLY B 320 -25.40 -32.74 -26.23
N GLU B 321 -26.36 -32.48 -25.35
CA GLU B 321 -25.92 -32.03 -24.03
C GLU B 321 -25.67 -33.16 -23.06
N ALA B 322 -25.92 -34.38 -23.50
CA ALA B 322 -25.45 -35.49 -22.72
C ALA B 322 -23.92 -35.52 -22.79
N ALA B 323 -23.37 -34.87 -23.81
CA ALA B 323 -21.93 -34.88 -24.06
C ALA B 323 -21.08 -34.79 -22.76
N HIS B 324 -21.23 -33.70 -22.02
CA HIS B 324 -20.43 -33.54 -20.84
C HIS B 324 -20.62 -34.69 -19.90
N ALA B 325 -21.86 -35.06 -19.67
CA ALA B 325 -22.13 -36.13 -18.70
C ALA B 325 -21.31 -37.36 -19.08
N GLN B 326 -21.39 -37.78 -20.35
CA GLN B 326 -20.80 -39.05 -20.78
C GLN B 326 -19.28 -38.97 -20.76
N LEU B 327 -18.73 -37.83 -21.11
CA LEU B 327 -17.28 -37.65 -21.01
C LEU B 327 -16.80 -37.69 -19.56
N ASP B 328 -17.57 -37.12 -18.64
CA ASP B 328 -17.19 -37.14 -17.23
C ASP B 328 -17.11 -38.59 -16.71
N ALA B 329 -18.08 -39.41 -17.13
CA ALA B 329 -18.05 -40.81 -16.71
C ALA B 329 -16.73 -41.45 -17.16
N LEU B 330 -16.39 -41.34 -18.44
CA LEU B 330 -15.10 -41.86 -18.94
C LEU B 330 -13.84 -41.31 -18.23
N ALA B 331 -13.79 -40.00 -18.02
CA ALA B 331 -12.67 -39.37 -17.30
C ALA B 331 -12.50 -39.95 -15.89
N ALA B 332 -13.65 -40.33 -15.29
CA ALA B 332 -13.69 -40.84 -13.94
C ALA B 332 -12.86 -42.10 -13.82
N GLU B 333 -12.85 -42.92 -14.88
CA GLU B 333 -12.00 -44.12 -14.94
C GLU B 333 -10.54 -43.88 -15.33
N VAL B 334 -10.18 -42.66 -15.73
CA VAL B 334 -8.79 -42.38 -16.10
C VAL B 334 -7.99 -41.82 -14.90
N PRO B 335 -6.77 -42.33 -14.71
CA PRO B 335 -5.99 -41.87 -13.55
C PRO B 335 -5.71 -40.36 -13.60
N ALA B 336 -5.54 -39.74 -12.44
CA ALA B 336 -5.11 -38.34 -12.39
C ALA B 336 -3.80 -38.20 -13.14
N GLY B 337 -3.66 -37.15 -13.94
CA GLY B 337 -2.50 -36.99 -14.83
C GLY B 337 -2.78 -37.49 -16.24
N ALA B 338 -3.82 -38.28 -16.39
CA ALA B 338 -4.25 -38.78 -17.71
C ALA B 338 -3.13 -39.51 -18.44
N ASP B 339 -2.27 -40.14 -17.66
CA ASP B 339 -1.30 -41.09 -18.24
C ASP B 339 -0.41 -40.37 -19.23
N GLY B 340 0.13 -39.23 -18.80
CA GLY B 340 1.14 -38.53 -19.57
C GLY B 340 0.63 -37.36 -20.38
N LEU B 341 -0.68 -37.18 -20.50
CA LEU B 341 -1.16 -36.04 -21.32
C LEU B 341 -0.89 -34.77 -20.52
N VAL B 342 -0.59 -33.69 -21.24
CA VAL B 342 -0.41 -32.37 -20.64
C VAL B 342 -1.03 -31.38 -21.63
N CYS B 343 -2.04 -30.64 -21.19
CA CYS B 343 -2.76 -29.72 -22.03
C CYS B 343 -2.53 -28.27 -21.55
N LEU B 344 -2.35 -27.34 -22.52
CA LEU B 344 -2.42 -25.90 -22.30
C LEU B 344 -3.78 -25.43 -22.79
N PRO B 345 -4.61 -24.87 -21.92
CA PRO B 345 -6.01 -24.65 -22.32
C PRO B 345 -6.26 -23.25 -22.87
N TYR B 346 -5.35 -22.74 -23.69
CA TYR B 346 -5.46 -21.36 -24.19
C TYR B 346 -6.00 -21.20 -25.62
N PHE B 347 -7.20 -21.71 -25.84
CA PHE B 347 -7.84 -21.74 -27.14
C PHE B 347 -8.20 -20.36 -27.70
N LEU B 348 -8.05 -19.37 -26.85
CA LEU B 348 -8.43 -18.01 -27.18
C LEU B 348 -7.37 -17.10 -26.60
N GLY B 349 -6.16 -17.63 -26.46
CA GLY B 349 -5.18 -16.99 -25.59
C GLY B 349 -5.63 -17.14 -24.15
N ASP B 356 -1.01 -12.83 -22.77
CA ASP B 356 -0.45 -13.49 -23.95
C ASP B 356 -1.47 -13.91 -25.02
N PRO B 357 -1.71 -13.02 -26.00
CA PRO B 357 -2.78 -13.27 -26.96
C PRO B 357 -2.37 -14.30 -28.01
N PHE B 358 -1.09 -14.67 -28.09
CA PHE B 358 -0.64 -15.64 -29.09
C PHE B 358 -0.52 -17.06 -28.54
N ALA B 359 -0.85 -17.27 -27.28
CA ALA B 359 -0.81 -18.59 -26.66
C ALA B 359 -1.86 -19.45 -27.32
N SER B 360 -1.60 -20.71 -27.59
CA SER B 360 -2.74 -21.44 -28.15
C SER B 360 -3.07 -22.79 -27.52
N GLY B 361 -4.26 -23.32 -27.77
CA GLY B 361 -4.64 -24.66 -27.34
C GLY B 361 -3.53 -25.63 -27.74
N THR B 362 -3.09 -26.45 -26.78
CA THR B 362 -2.05 -27.47 -26.98
C THR B 362 -2.37 -28.75 -26.19
N PHE B 363 -2.28 -29.90 -26.84
CA PHE B 363 -2.21 -31.20 -26.17
C PHE B 363 -0.90 -31.87 -26.54
N THR B 364 -0.13 -32.33 -25.58
CA THR B 364 1.02 -33.13 -25.96
C THR B 364 1.14 -34.36 -25.07
N GLY B 365 2.06 -35.27 -25.43
CA GLY B 365 2.19 -36.52 -24.71
C GLY B 365 1.20 -37.56 -25.20
N LEU B 366 0.47 -37.24 -26.27
CA LEU B 366 -0.50 -38.19 -26.82
C LEU B 366 0.13 -39.50 -27.33
N SER B 367 -0.59 -40.60 -27.17
CA SER B 367 -0.19 -41.91 -27.73
C SER B 367 -1.41 -42.63 -28.30
N LEU B 368 -1.23 -43.67 -29.09
CA LEU B 368 -2.36 -44.43 -29.65
C LEU B 368 -3.26 -45.10 -28.61
N SER B 369 -2.86 -45.01 -27.35
CA SER B 369 -3.55 -45.61 -26.23
C SER B 369 -4.54 -44.65 -25.60
N HIS B 370 -4.35 -43.34 -25.78
CA HIS B 370 -5.20 -42.41 -25.09
C HIS B 370 -6.63 -42.45 -25.65
N THR B 371 -7.62 -42.37 -24.75
CA THR B 371 -9.04 -42.50 -25.11
C THR B 371 -9.66 -41.15 -25.06
N ARG B 372 -10.90 -41.03 -25.53
CA ARG B 372 -11.60 -39.74 -25.39
C ARG B 372 -11.60 -39.38 -23.91
N GLY B 373 -11.67 -40.41 -23.08
CA GLY B 373 -11.63 -40.23 -21.64
C GLY B 373 -10.36 -39.53 -21.18
N HIS B 374 -9.21 -39.93 -21.71
CA HIS B 374 -7.96 -39.22 -21.41
C HIS B 374 -7.98 -37.76 -21.90
N LEU B 375 -8.52 -37.51 -23.08
CA LEU B 375 -8.45 -36.16 -23.56
C LEU B 375 -9.28 -35.21 -22.70
N TRP B 376 -10.51 -35.65 -22.39
CA TRP B 376 -11.43 -34.92 -21.54
C TRP B 376 -10.78 -34.59 -20.24
N ARG B 377 -10.20 -35.60 -19.62
CA ARG B 377 -9.66 -35.39 -18.30
C ARG B 377 -8.51 -34.41 -18.39
N ALA B 378 -7.69 -34.53 -19.46
CA ALA B 378 -6.49 -33.68 -19.63
C ALA B 378 -6.94 -32.24 -19.70
N LEU B 379 -8.07 -32.01 -20.34
CA LEU B 379 -8.61 -30.65 -20.35
C LEU B 379 -9.17 -30.22 -18.99
N LEU B 380 -9.93 -31.08 -18.32
CA LEU B 380 -10.44 -30.70 -17.01
C LEU B 380 -9.30 -30.29 -16.10
N GLU B 381 -8.22 -31.09 -16.15
CA GLU B 381 -7.10 -30.84 -15.28
C GLU B 381 -6.43 -29.52 -15.60
N ALA B 382 -6.21 -29.29 -16.89
CA ALA B 382 -5.56 -28.07 -17.34
C ALA B 382 -6.33 -26.83 -16.90
N VAL B 383 -7.67 -26.91 -16.93
CA VAL B 383 -8.40 -25.73 -16.50
C VAL B 383 -8.17 -25.50 -15.02
N ALA B 384 -8.28 -26.58 -14.25
CA ALA B 384 -8.06 -26.49 -12.80
C ALA B 384 -6.65 -25.94 -12.54
N LEU B 385 -5.65 -26.48 -13.28
CA LEU B 385 -4.27 -25.96 -13.19
C LEU B 385 -4.16 -24.46 -13.47
N ALA B 386 -4.90 -23.97 -14.48
CA ALA B 386 -4.98 -22.52 -14.72
C ALA B 386 -5.53 -21.78 -13.51
N PHE B 387 -6.61 -22.28 -12.92
CA PHE B 387 -7.13 -21.64 -11.71
C PHE B 387 -6.04 -21.67 -10.60
N ARG B 388 -5.38 -22.82 -10.47
CA ARG B 388 -4.33 -22.92 -9.47
C ARG B 388 -3.26 -21.85 -9.71
N HIS B 389 -2.92 -21.61 -10.96
CA HIS B 389 -1.84 -20.66 -11.26
C HIS B 389 -2.26 -19.31 -10.76
N HIS B 390 -3.51 -18.96 -11.01
CA HIS B 390 -4.07 -17.71 -10.50
C HIS B 390 -3.95 -17.59 -8.99
N VAL B 391 -4.29 -18.68 -8.28
CA VAL B 391 -4.21 -18.70 -6.81
C VAL B 391 -2.75 -18.54 -6.41
N ALA B 392 -1.87 -19.28 -7.08
CA ALA B 392 -0.42 -19.10 -6.88
C ALA B 392 -0.02 -17.63 -7.00
N VAL B 393 -0.50 -16.96 -8.03
CA VAL B 393 -0.19 -15.56 -8.26
C VAL B 393 -0.73 -14.70 -7.12
N LEU B 394 -1.99 -14.95 -6.76
CA LEU B 394 -2.69 -14.25 -5.65
C LEU B 394 -1.88 -14.38 -4.34
N ASP B 395 -1.43 -15.59 -4.06
CA ASP B 395 -0.53 -15.82 -2.91
C ASP B 395 0.78 -15.02 -3.01
N ASP B 396 1.47 -15.17 -4.13
CA ASP B 396 2.75 -14.47 -4.35
C ASP B 396 2.65 -12.97 -4.09
N ILE B 397 1.48 -12.36 -4.36
CA ILE B 397 1.29 -10.92 -4.30
C ILE B 397 0.96 -10.45 -2.93
N GLY B 398 0.36 -11.30 -2.11
CA GLY B 398 0.07 -10.88 -0.76
C GLY B 398 -1.40 -10.93 -0.40
N HIS B 399 -2.20 -11.52 -1.29
CA HIS B 399 -3.66 -11.61 -1.07
C HIS B 399 -4.13 -12.71 -0.10
N ALA B 400 -3.26 -13.70 0.13
CA ALA B 400 -3.47 -14.78 1.07
C ALA B 400 -4.78 -15.55 0.88
N PRO B 401 -4.97 -16.10 -0.32
CA PRO B 401 -6.21 -16.83 -0.61
C PRO B 401 -6.29 -18.01 0.31
N GLN B 402 -7.46 -18.34 0.86
CA GLN B 402 -7.52 -19.44 1.81
C GLN B 402 -8.88 -20.13 1.98
N ARG B 403 -9.96 -19.42 1.72
CA ARG B 403 -11.26 -20.06 1.78
C ARG B 403 -11.87 -20.10 0.36
N PHE B 404 -12.14 -21.29 -0.15
CA PHE B 404 -12.56 -21.44 -1.54
C PHE B 404 -14.00 -21.88 -1.81
N PHE B 405 -14.62 -21.18 -2.74
CA PHE B 405 -15.98 -21.44 -3.20
C PHE B 405 -15.97 -21.64 -4.72
N ALA B 406 -16.92 -22.42 -5.23
CA ALA B 406 -17.04 -22.59 -6.68
C ALA B 406 -18.49 -22.43 -7.03
N SER B 407 -18.73 -21.74 -8.13
CA SER B 407 -20.09 -21.53 -8.52
C SER B 407 -20.23 -21.77 -10.00
N ASP B 408 -21.47 -21.60 -10.46
CA ASP B 408 -21.75 -21.59 -11.88
C ASP B 408 -21.70 -23.00 -12.48
N GLY B 409 -21.77 -23.07 -13.81
CA GLY B 409 -22.01 -24.30 -14.55
C GLY B 409 -21.13 -25.50 -14.31
N GLY B 410 -19.83 -25.27 -14.19
CA GLY B 410 -18.89 -26.36 -14.00
C GLY B 410 -19.16 -27.10 -12.69
N THR B 411 -19.76 -26.42 -11.71
CA THR B 411 -19.97 -27.09 -10.44
C THR B 411 -20.92 -28.25 -10.56
N ARG B 412 -21.59 -28.40 -11.69
CA ARG B 412 -22.46 -29.56 -11.78
C ARG B 412 -21.71 -30.81 -12.22
N SER B 413 -20.40 -30.65 -12.41
CA SER B 413 -19.53 -31.77 -12.73
C SER B 413 -18.76 -32.24 -11.50
N ARG B 414 -19.22 -33.29 -10.83
CA ARG B 414 -18.59 -33.70 -9.60
C ARG B 414 -17.14 -34.21 -9.86
N VAL B 415 -16.94 -34.81 -11.03
CA VAL B 415 -15.60 -35.21 -11.42
C VAL B 415 -14.70 -34.00 -11.52
N TRP B 416 -15.21 -32.93 -12.11
CA TRP B 416 -14.37 -31.79 -12.36
C TRP B 416 -14.02 -31.11 -11.07
N MSE B 417 -15.02 -30.95 -10.22
CA MSE B 417 -14.85 -30.36 -8.91
C MSE B 417 -13.99 -31.21 -8.00
O MSE B 417 -13.25 -30.66 -7.17
CB MSE B 417 -16.24 -30.13 -8.30
CG MSE B 417 -17.10 -29.13 -9.07
SE MSE B 417 -16.21 -27.36 -9.28
CE MSE B 417 -15.33 -27.69 -11.02
N GLY B 418 -14.06 -32.54 -8.10
CA GLY B 418 -13.07 -33.41 -7.49
C GLY B 418 -11.66 -33.03 -7.95
N ILE B 419 -11.46 -32.90 -9.26
CA ILE B 419 -10.17 -32.51 -9.82
C ILE B 419 -9.74 -31.13 -9.27
N MSE B 420 -10.66 -30.17 -9.25
CA MSE B 420 -10.29 -28.83 -8.80
C MSE B 420 -9.73 -28.87 -7.37
O MSE B 420 -8.69 -28.30 -7.09
CB MSE B 420 -11.51 -27.92 -8.84
CG MSE B 420 -11.23 -26.46 -8.49
SE MSE B 420 -10.07 -25.68 -9.88
CE MSE B 420 -8.50 -25.20 -8.80
N ALA B 421 -10.45 -29.55 -6.47
CA ALA B 421 -10.02 -29.71 -5.11
C ALA B 421 -8.68 -30.48 -5.00
N ASP B 422 -8.52 -31.58 -5.73
CA ASP B 422 -7.26 -32.35 -5.70
C ASP B 422 -6.11 -31.57 -6.25
N VAL B 423 -6.37 -30.69 -7.22
CA VAL B 423 -5.31 -29.83 -7.74
C VAL B 423 -5.01 -28.74 -6.72
N LEU B 424 -6.06 -28.21 -6.11
CA LEU B 424 -5.86 -27.02 -5.31
C LEU B 424 -5.30 -27.37 -3.92
N GLN B 425 -5.54 -28.60 -3.49
CA GLN B 425 -5.21 -29.06 -2.13
C GLN B 425 -5.76 -28.07 -1.08
N ARG B 426 -6.99 -27.59 -1.35
CA ARG B 426 -7.81 -26.92 -0.35
C ARG B 426 -9.26 -27.34 -0.50
N PRO B 427 -10.04 -27.30 0.57
CA PRO B 427 -11.42 -27.70 0.37
C PRO B 427 -12.14 -26.63 -0.50
N VAL B 428 -13.09 -27.07 -1.33
CA VAL B 428 -13.80 -26.18 -2.20
C VAL B 428 -15.26 -26.27 -1.83
N GLN B 429 -15.87 -25.14 -1.50
CA GLN B 429 -17.29 -25.12 -1.21
C GLN B 429 -18.07 -24.85 -2.48
N LEU B 430 -18.84 -25.82 -2.97
CA LEU B 430 -19.68 -25.53 -4.11
C LEU B 430 -20.86 -24.74 -3.61
N LEU B 431 -21.40 -23.90 -4.49
CA LEU B 431 -22.60 -23.17 -4.21
C LEU B 431 -23.38 -22.81 -5.47
N ALA B 432 -24.69 -22.65 -5.36
CA ALA B 432 -25.47 -22.11 -6.49
C ALA B 432 -25.59 -20.59 -6.30
N ASN B 433 -25.65 -19.80 -7.37
CA ASN B 433 -25.67 -18.37 -7.12
C ASN B 433 -26.55 -17.64 -8.10
N PRO B 434 -27.84 -18.03 -8.15
CA PRO B 434 -28.77 -17.53 -9.16
C PRO B 434 -29.01 -16.01 -8.97
N LEU B 435 -29.21 -15.31 -10.06
CA LEU B 435 -29.31 -13.85 -9.96
C LEU B 435 -28.32 -13.20 -8.99
N GLY B 436 -27.09 -13.75 -8.93
CA GLY B 436 -26.08 -13.34 -7.98
C GLY B 436 -25.94 -11.85 -7.96
N SER B 437 -25.85 -11.25 -9.15
CA SER B 437 -25.67 -9.80 -9.19
C SER B 437 -26.84 -9.01 -8.57
N ALA B 438 -28.07 -9.29 -9.02
CA ALA B 438 -29.22 -8.59 -8.45
C ALA B 438 -29.24 -8.84 -6.94
N VAL B 439 -28.83 -10.04 -6.54
CA VAL B 439 -28.90 -10.42 -5.12
C VAL B 439 -27.87 -9.65 -4.29
N GLY B 440 -26.63 -9.55 -4.78
CA GLY B 440 -25.60 -8.80 -4.13
C GLY B 440 -25.99 -7.36 -3.97
N ALA B 441 -26.65 -6.82 -5.01
CA ALA B 441 -27.20 -5.45 -4.93
C ALA B 441 -28.21 -5.32 -3.80
N ALA B 442 -29.17 -6.25 -3.78
CA ALA B 442 -30.15 -6.27 -2.69
C ALA B 442 -29.48 -6.20 -1.32
N TRP B 443 -28.43 -7.00 -1.15
CA TRP B 443 -27.70 -7.04 0.13
C TRP B 443 -27.14 -5.70 0.56
N VAL B 444 -26.72 -4.89 -0.41
CA VAL B 444 -26.12 -3.62 -0.07
C VAL B 444 -27.19 -2.81 0.61
N ALA B 445 -28.39 -2.83 0.06
CA ALA B 445 -29.48 -2.05 0.61
C ALA B 445 -29.91 -2.64 1.92
N ALA B 446 -29.84 -3.97 2.05
CA ALA B 446 -30.26 -4.60 3.31
C ALA B 446 -29.39 -4.08 4.47
N ILE B 447 -28.08 -4.03 4.26
CA ILE B 447 -27.15 -3.62 5.29
C ILE B 447 -27.16 -2.10 5.50
N GLY B 448 -27.65 -1.34 4.57
CA GLY B 448 -27.70 0.07 4.82
C GLY B 448 -28.98 0.51 5.49
N GLY B 449 -29.96 -0.37 5.50
CA GLY B 449 -31.29 -0.09 5.98
C GLY B 449 -31.51 -0.46 7.43
N GLY B 450 -30.49 -0.98 8.06
CA GLY B 450 -30.64 -1.34 9.45
C GLY B 450 -29.41 -1.80 10.13
N ASP B 451 -28.37 -2.15 9.38
CA ASP B 451 -27.14 -2.57 9.97
C ASP B 451 -27.45 -3.36 11.27
N ASP B 452 -28.63 -4.00 11.31
CA ASP B 452 -29.04 -5.09 12.18
C ASP B 452 -28.80 -6.41 11.48
N LEU B 453 -28.43 -6.33 10.21
CA LEU B 453 -27.79 -7.39 9.50
C LEU B 453 -26.42 -6.86 9.18
N GLY B 454 -25.45 -7.73 9.19
CA GLY B 454 -24.11 -7.26 8.95
C GLY B 454 -23.56 -7.89 7.72
N TRP B 455 -22.49 -7.32 7.23
CA TRP B 455 -21.76 -7.90 6.12
C TRP B 455 -21.51 -9.32 6.53
N ASP B 456 -20.95 -9.44 7.73
CA ASP B 456 -21.14 -10.49 8.68
C ASP B 456 -21.95 -11.69 8.21
N ASP B 457 -23.25 -11.44 8.04
CA ASP B 457 -24.29 -12.43 7.88
C ASP B 457 -24.55 -12.81 6.46
N VAL B 458 -23.51 -12.89 5.68
CA VAL B 458 -23.56 -13.60 4.44
C VAL B 458 -24.65 -13.16 3.49
N ARG B 463 -27.69 -20.70 -1.81
CA ARG B 463 -27.23 -21.34 -0.57
C ARG B 463 -26.17 -22.37 -0.89
N THR B 464 -25.34 -22.60 0.09
CA THR B 464 -24.25 -23.57 -0.02
C THR B 464 -24.68 -25.01 -0.31
N GLY B 465 -23.78 -25.78 -0.89
CA GLY B 465 -24.08 -27.13 -1.29
C GLY B 465 -22.92 -27.96 -0.88
N GLU B 466 -22.52 -28.87 -1.75
CA GLU B 466 -21.50 -29.81 -1.33
C GLU B 466 -20.15 -29.11 -1.11
N LYS B 467 -19.49 -29.38 0.01
CA LYS B 467 -18.15 -28.90 0.27
C LYS B 467 -17.19 -30.05 -0.02
N ILE B 468 -16.30 -29.91 -1.01
CA ILE B 468 -15.56 -31.04 -1.45
C ILE B 468 -14.20 -30.97 -0.84
N THR B 469 -13.72 -32.11 -0.39
CA THR B 469 -12.47 -32.18 0.30
C THR B 469 -11.46 -32.86 -0.61
N PRO B 470 -10.24 -32.38 -0.58
CA PRO B 470 -9.22 -33.01 -1.45
C PRO B 470 -8.76 -34.35 -0.91
N ASP B 471 -8.39 -35.22 -1.83
CA ASP B 471 -7.65 -36.39 -1.43
C ASP B 471 -6.17 -36.04 -1.36
N PRO B 472 -5.56 -36.10 -0.16
CA PRO B 472 -4.19 -35.58 -0.02
C PRO B 472 -3.13 -36.43 -0.76
N ALA B 473 -3.47 -37.65 -1.11
CA ALA B 473 -2.63 -38.54 -1.85
C ALA B 473 -2.41 -38.05 -3.23
N LYS B 474 -3.27 -37.17 -3.68
CA LYS B 474 -3.25 -36.74 -5.03
C LYS B 474 -2.45 -35.50 -5.18
N ALA B 475 -1.87 -35.03 -4.10
CA ALA B 475 -1.16 -33.80 -4.13
C ALA B 475 0.07 -33.93 -4.95
N GLU B 476 0.72 -35.08 -4.89
CA GLU B 476 1.97 -35.23 -5.60
C GLU B 476 1.82 -35.46 -7.11
N VAL B 477 0.79 -36.15 -7.53
CA VAL B 477 0.40 -36.20 -8.92
C VAL B 477 0.16 -34.82 -9.47
N TYR B 478 -0.66 -34.03 -8.80
CA TYR B 478 -1.02 -32.73 -9.38
C TYR B 478 0.03 -31.67 -9.23
N ASP B 479 0.88 -31.77 -8.21
CA ASP B 479 2.07 -30.91 -8.13
C ASP B 479 3.07 -31.17 -9.29
N ARG B 480 3.27 -32.42 -9.64
CA ARG B 480 4.17 -32.72 -10.75
C ARG B 480 3.53 -32.26 -12.08
N LEU B 481 2.24 -32.54 -12.26
CA LEU B 481 1.52 -32.05 -13.46
C LEU B 481 1.52 -30.52 -13.58
N TYR B 482 1.56 -29.82 -12.46
CA TYR B 482 1.52 -28.36 -12.54
C TYR B 482 2.87 -27.85 -12.95
N ARG B 483 3.89 -28.59 -12.59
CA ARG B 483 5.25 -28.23 -13.00
C ARG B 483 5.42 -28.52 -14.49
N ASP B 484 4.93 -29.67 -14.95
CA ASP B 484 4.85 -29.91 -16.38
C ASP B 484 4.08 -28.80 -17.13
N PHE B 485 2.84 -28.57 -16.72
CA PHE B 485 2.05 -27.42 -17.19
C PHE B 485 2.84 -26.13 -17.30
N SER B 486 3.53 -25.74 -16.26
CA SER B 486 4.27 -24.49 -16.31
C SER B 486 5.43 -24.63 -17.28
N ALA B 487 6.04 -25.80 -17.27
CA ALA B 487 7.24 -26.03 -18.07
C ALA B 487 6.86 -26.03 -19.53
N LEU B 488 5.69 -26.62 -19.84
CA LEU B 488 5.20 -26.69 -21.22
C LEU B 488 5.00 -25.27 -21.78
N TYR B 489 4.29 -24.43 -21.02
CA TYR B 489 4.08 -23.05 -21.41
C TYR B 489 5.39 -22.31 -21.57
N ALA B 490 6.26 -22.38 -20.57
CA ALA B 490 7.59 -21.83 -20.74
C ALA B 490 8.26 -22.35 -22.02
N THR B 491 8.13 -23.65 -22.30
CA THR B 491 8.87 -24.20 -23.44
C THR B 491 8.34 -23.75 -24.81
N LEU B 492 7.03 -23.55 -24.91
CA LEU B 492 6.37 -23.24 -26.19
C LEU B 492 6.12 -21.76 -26.35
N HIS B 493 6.63 -20.97 -25.40
CA HIS B 493 6.47 -19.53 -25.51
C HIS B 493 7.29 -19.00 -26.67
N PRO B 494 8.60 -19.35 -26.73
CA PRO B 494 9.42 -18.95 -27.90
C PRO B 494 8.72 -19.26 -29.22
N PHE B 495 8.35 -20.53 -29.37
CA PHE B 495 7.56 -21.01 -30.49
C PHE B 495 6.23 -20.24 -30.76
N PHE B 496 5.43 -19.92 -29.74
CA PHE B 496 4.16 -19.23 -30.03
C PHE B 496 4.42 -17.84 -30.61
N HIS B 497 5.46 -17.17 -30.12
CA HIS B 497 5.73 -15.80 -30.56
C HIS B 497 6.61 -15.71 -31.82
N ARG B 498 7.19 -16.82 -32.22
CA ARG B 498 7.94 -16.87 -33.45
C ARG B 498 7.23 -16.05 -34.52
P PO4 C . 13.38 4.87 14.09
O1 PO4 C . 14.19 5.44 15.25
O2 PO4 C . 12.44 5.95 13.56
O3 PO4 C . 14.30 4.45 12.97
O4 PO4 C . 12.64 3.59 14.50
#